data_5QSX
#
_entry.id   5QSX
#
_cell.length_a   66.723
_cell.length_b   72.398
_cell.length_c   118.428
_cell.angle_alpha   94.820
_cell.angle_beta   98.370
_cell.angle_gamma   115.510
#
_symmetry.space_group_name_H-M   'P 1'
#
loop_
_entity.id
_entity.type
_entity.pdbx_description
1 polymer 'Cohesin subunit SA-1'
2 non-polymer 4-[(3,4-dihydroisoquinolin-2(1H)-yl)methyl]phenol
3 water water
#
_entity_poly.entity_id   1
_entity_poly.type   'polypeptide(L)'
_entity_poly.pdbx_seq_one_letter_code
;SMGGTLFEVVKLGKSAMQSVVDDWIESYKQDRDIALLDLINFFIQCSGCRGTVRIEMFRNMQNAEIIRKMTEEFDEDSGD
YPLTMPGPQWKKFRSNFCEFIGVLIRQCQYSIIYDEYMMDTVISLLTGLSDSQVRAFRHTSTLAAMKLMTALVNVALNLS
IHQDNTQRQYEAERNKMIGKRANERLELLLQKRKELQENQDEIENMMNSIFKGIFVHRYRDAIAEIRAICIEEIGVWMKM
YSDAFLNDSYLKYVGWTLHDRQGEVRLKCLKALQSLYTNRELFPKLELFTNRFKDRIVSMTLDKEYDVAVEAIRLVTLIL
HGSEEALSNEDCENVYHLV
;
_entity_poly.pdbx_strand_id   C,A,B,D
#
loop_
_chem_comp.id
_chem_comp.type
_chem_comp.name
_chem_comp.formula
O3M non-polymer 4-[(3,4-dihydroisoquinolin-2(1H)-yl)methyl]phenol 'C16 H17 N O'
#
# COMPACT_ATOMS: atom_id res chain seq x y z
N GLY A 4 -49.82 -13.60 -8.53
CA GLY A 4 -50.55 -13.90 -9.81
C GLY A 4 -49.69 -14.70 -10.81
N THR A 5 -49.25 -14.05 -11.90
CA THR A 5 -48.46 -14.61 -13.04
C THR A 5 -46.99 -14.79 -12.59
N LEU A 6 -46.17 -15.55 -13.32
CA LEU A 6 -44.73 -15.75 -12.97
C LEU A 6 -43.95 -14.45 -13.23
N PHE A 7 -44.20 -13.74 -14.34
CA PHE A 7 -43.60 -12.40 -14.60
C PHE A 7 -43.94 -11.43 -13.47
N GLU A 8 -45.19 -11.47 -12.99
CA GLU A 8 -45.71 -10.52 -11.99
C GLU A 8 -44.99 -10.80 -10.66
N VAL A 9 -44.95 -12.07 -10.22
CA VAL A 9 -44.37 -12.50 -8.92
C VAL A 9 -42.85 -12.25 -8.91
N VAL A 10 -42.16 -12.38 -10.04
CA VAL A 10 -40.68 -12.15 -10.11
C VAL A 10 -40.39 -10.64 -10.04
N LYS A 11 -40.95 -9.86 -10.96
CA LYS A 11 -40.93 -8.38 -10.94
C LYS A 11 -41.87 -7.93 -9.80
N LEU A 12 -41.34 -7.82 -8.58
CA LEU A 12 -42.07 -7.82 -7.29
C LEU A 12 -41.43 -8.89 -6.40
N GLY A 13 -40.15 -8.71 -6.06
CA GLY A 13 -39.32 -9.73 -5.42
C GLY A 13 -39.57 -9.77 -3.94
N LYS A 14 -40.82 -9.82 -3.50
CA LYS A 14 -41.20 -9.94 -2.07
C LYS A 14 -40.56 -11.26 -1.60
N SER A 15 -39.79 -11.20 -0.52
CA SER A 15 -39.14 -12.37 0.11
C SER A 15 -40.22 -13.11 0.90
N ALA A 16 -39.89 -14.34 1.34
CA ALA A 16 -40.69 -15.12 2.32
C ALA A 16 -40.97 -14.20 3.51
N MET A 17 -39.97 -13.44 3.96
CA MET A 17 -40.10 -12.61 5.18
C MET A 17 -41.03 -11.41 4.91
N GLN A 18 -40.81 -10.67 3.82
CA GLN A 18 -41.70 -9.54 3.42
C GLN A 18 -43.16 -10.02 3.26
N SER A 19 -43.34 -11.22 2.71
CA SER A 19 -44.67 -11.81 2.45
C SER A 19 -45.35 -12.07 3.80
N VAL A 20 -44.62 -12.61 4.75
CA VAL A 20 -45.26 -13.12 5.99
C VAL A 20 -45.57 -11.90 6.88
N VAL A 21 -44.89 -10.78 6.62
CA VAL A 21 -45.12 -9.50 7.34
C VAL A 21 -46.32 -8.77 6.71
N ASP A 22 -46.46 -8.81 5.40
CA ASP A 22 -47.69 -8.32 4.73
C ASP A 22 -48.92 -9.08 5.28
N ASP A 23 -48.88 -10.41 5.32
CA ASP A 23 -49.98 -11.27 5.87
C ASP A 23 -50.26 -10.95 7.33
N TRP A 24 -49.20 -10.77 8.12
CA TRP A 24 -49.29 -10.47 9.57
C TRP A 24 -50.04 -9.15 9.77
N ILE A 25 -49.76 -8.17 8.93
CA ILE A 25 -50.40 -6.83 8.97
C ILE A 25 -51.89 -7.01 8.63
N GLU A 26 -52.19 -7.85 7.63
CA GLU A 26 -53.58 -8.07 7.21
C GLU A 26 -54.33 -8.73 8.37
N SER A 27 -53.68 -9.69 9.05
CA SER A 27 -54.21 -10.41 10.24
C SER A 27 -54.40 -9.46 11.43
N TYR A 28 -53.47 -8.49 11.61
CA TYR A 28 -53.46 -7.49 12.71
C TYR A 28 -54.71 -6.61 12.55
N LYS A 29 -55.06 -6.27 11.30
CA LYS A 29 -56.23 -5.42 10.95
C LYS A 29 -57.56 -6.17 11.17
N GLN A 30 -57.60 -7.49 11.00
CA GLN A 30 -58.77 -8.34 11.36
C GLN A 30 -58.86 -8.42 12.90
N ASP A 31 -57.79 -8.82 13.58
CA ASP A 31 -57.82 -9.14 15.03
C ASP A 31 -56.44 -8.87 15.65
N ARG A 32 -56.23 -7.65 16.14
CA ARG A 32 -55.01 -7.26 16.90
C ARG A 32 -54.59 -8.43 17.80
N ASP A 33 -55.54 -9.00 18.54
CA ASP A 33 -55.26 -9.92 19.66
C ASP A 33 -54.58 -11.20 19.13
N ILE A 34 -55.15 -11.83 18.10
CA ILE A 34 -54.60 -13.11 17.54
C ILE A 34 -53.25 -12.78 16.88
N ALA A 35 -53.13 -11.60 16.24
CA ALA A 35 -51.92 -11.17 15.52
C ALA A 35 -50.77 -10.99 16.52
N LEU A 36 -51.03 -10.33 17.64
CA LEU A 36 -49.99 -10.10 18.69
C LEU A 36 -49.66 -11.41 19.39
N LEU A 37 -50.64 -12.32 19.50
CA LEU A 37 -50.40 -13.65 20.12
C LEU A 37 -49.42 -14.40 19.22
N ASP A 38 -49.63 -14.35 17.91
CA ASP A 38 -48.71 -14.97 16.94
C ASP A 38 -47.33 -14.33 17.11
N LEU A 39 -47.28 -13.00 17.19
CA LEU A 39 -45.98 -12.26 17.28
C LEU A 39 -45.31 -12.62 18.60
N ILE A 40 -46.06 -12.77 19.69
CA ILE A 40 -45.52 -13.18 21.02
C ILE A 40 -44.95 -14.61 20.90
N ASN A 41 -45.69 -15.54 20.32
CA ASN A 41 -45.25 -16.96 20.10
C ASN A 41 -43.97 -16.98 19.24
N PHE A 42 -43.86 -16.12 18.23
CA PHE A 42 -42.65 -16.03 17.38
C PHE A 42 -41.40 -15.81 18.25
N PHE A 43 -41.47 -14.88 19.20
CA PHE A 43 -40.31 -14.47 20.03
C PHE A 43 -40.01 -15.62 21.00
N ILE A 44 -41.05 -16.31 21.48
CA ILE A 44 -40.92 -17.53 22.32
C ILE A 44 -40.21 -18.63 21.49
N GLN A 45 -40.71 -18.96 20.29
CA GLN A 45 -40.16 -20.04 19.46
C GLN A 45 -38.71 -19.69 19.08
N CYS A 46 -38.42 -18.42 18.81
CA CYS A 46 -37.08 -17.91 18.44
C CYS A 46 -36.06 -18.17 19.55
N SER A 47 -36.46 -18.12 20.82
CA SER A 47 -35.63 -18.47 21.99
C SER A 47 -35.39 -19.99 22.10
N GLY A 48 -36.02 -20.80 21.24
CA GLY A 48 -35.98 -22.27 21.34
C GLY A 48 -36.88 -22.82 22.45
N CYS A 49 -37.75 -21.98 23.01
CA CYS A 49 -38.78 -22.40 24.00
C CYS A 49 -39.82 -23.24 23.26
N ARG A 50 -40.26 -24.35 23.88
CA ARG A 50 -41.09 -25.41 23.25
C ARG A 50 -42.57 -25.19 23.59
N GLY A 51 -42.88 -24.27 24.51
CA GLY A 51 -44.27 -23.89 24.84
C GLY A 51 -44.82 -22.89 23.83
N THR A 52 -46.12 -22.57 23.96
CA THR A 52 -46.79 -21.50 23.20
C THR A 52 -48.03 -20.99 23.95
N VAL A 53 -48.17 -19.66 23.94
CA VAL A 53 -49.25 -18.89 24.62
C VAL A 53 -50.54 -19.11 23.83
N ARG A 54 -51.65 -19.36 24.53
CA ARG A 54 -53.02 -19.44 23.94
C ARG A 54 -53.73 -18.11 24.16
N ILE A 55 -54.88 -17.85 23.51
CA ILE A 55 -55.53 -16.50 23.56
C ILE A 55 -55.97 -16.18 24.99
N GLU A 56 -56.36 -17.19 25.77
CA GLU A 56 -56.89 -16.95 27.15
C GLU A 56 -55.76 -16.34 27.99
N MET A 57 -54.56 -16.94 27.98
CA MET A 57 -53.35 -16.47 28.71
C MET A 57 -53.08 -15.02 28.32
N PHE A 58 -53.00 -14.75 27.00
CA PHE A 58 -52.67 -13.40 26.46
C PHE A 58 -53.64 -12.37 27.06
N ARG A 59 -54.93 -12.65 27.05
CA ARG A 59 -56.01 -11.72 27.43
C ARG A 59 -56.04 -11.49 28.95
N ASN A 60 -55.72 -12.52 29.74
CA ASN A 60 -55.93 -12.54 31.21
C ASN A 60 -54.62 -12.43 31.99
N MET A 61 -53.53 -13.00 31.48
CA MET A 61 -52.25 -13.07 32.20
C MET A 61 -51.39 -11.85 31.83
N GLN A 62 -50.65 -11.35 32.82
CA GLN A 62 -49.55 -10.36 32.71
C GLN A 62 -48.32 -11.06 32.11
N ASN A 63 -47.46 -10.32 31.40
CA ASN A 63 -46.18 -10.82 30.81
C ASN A 63 -45.41 -11.65 31.84
N ALA A 64 -45.39 -11.18 33.08
CA ALA A 64 -44.69 -11.87 34.18
C ALA A 64 -45.12 -13.33 34.15
N GLU A 65 -46.42 -13.55 34.32
CA GLU A 65 -47.01 -14.91 34.42
C GLU A 65 -46.69 -15.63 33.11
N ILE A 66 -46.97 -15.01 31.96
CA ILE A 66 -46.67 -15.69 30.65
C ILE A 66 -45.21 -16.15 30.72
N ILE A 67 -44.28 -15.26 31.06
CA ILE A 67 -42.83 -15.59 30.91
C ILE A 67 -42.49 -16.68 31.94
N ARG A 68 -42.98 -16.54 33.20
CA ARG A 68 -42.84 -17.57 34.27
C ARG A 68 -43.35 -18.93 33.76
N LYS A 69 -44.53 -18.99 33.12
CA LYS A 69 -45.10 -20.27 32.63
C LYS A 69 -44.24 -20.81 31.47
N MET A 70 -43.71 -19.95 30.59
CA MET A 70 -42.90 -20.40 29.43
C MET A 70 -41.47 -20.74 29.89
N THR A 71 -41.04 -20.21 31.05
CA THR A 71 -39.72 -20.48 31.69
C THR A 71 -39.61 -21.96 32.06
N GLU A 72 -40.73 -22.56 32.51
CA GLU A 72 -40.80 -23.98 32.94
C GLU A 72 -40.77 -24.89 31.71
N GLU A 73 -41.31 -24.45 30.56
CA GLU A 73 -41.42 -25.28 29.32
C GLU A 73 -40.12 -25.22 28.51
N PHE A 74 -38.97 -25.29 29.20
CA PHE A 74 -37.61 -25.22 28.61
C PHE A 74 -36.88 -26.55 28.76
N ASP A 75 -36.57 -27.17 27.60
CA ASP A 75 -35.79 -28.44 27.45
C ASP A 75 -34.31 -28.15 27.68
N ASP A 80 -28.97 -24.32 24.69
CA ASP A 80 -28.79 -24.52 23.23
C ASP A 80 -30.07 -24.08 22.50
N TYR A 81 -30.08 -22.83 21.98
CA TYR A 81 -31.26 -22.14 21.38
C TYR A 81 -30.89 -21.67 19.97
N PRO A 82 -31.85 -21.28 19.12
CA PRO A 82 -31.55 -21.03 17.71
C PRO A 82 -30.34 -20.13 17.45
N LEU A 83 -30.06 -19.15 18.31
CA LEU A 83 -29.03 -18.11 18.04
C LEU A 83 -27.61 -18.66 18.25
N THR A 84 -27.43 -19.75 18.99
CA THR A 84 -26.11 -20.39 19.24
C THR A 84 -25.88 -21.59 18.30
N MET A 85 -26.95 -22.20 17.77
CA MET A 85 -26.87 -23.45 16.99
C MET A 85 -25.75 -23.37 15.95
N PRO A 86 -24.90 -24.40 15.85
CA PRO A 86 -24.12 -24.66 14.64
C PRO A 86 -24.94 -25.59 13.74
N GLY A 87 -24.54 -25.67 12.47
CA GLY A 87 -25.23 -26.46 11.42
C GLY A 87 -25.54 -25.56 10.24
N PRO A 88 -25.63 -26.10 9.00
CA PRO A 88 -26.02 -25.30 7.84
C PRO A 88 -27.46 -24.76 8.01
N GLN A 89 -28.34 -25.53 8.67
CA GLN A 89 -29.81 -25.27 8.76
C GLN A 89 -30.12 -24.17 9.79
N TRP A 90 -29.10 -23.58 10.46
CA TRP A 90 -29.25 -22.40 11.36
C TRP A 90 -28.21 -21.31 11.04
N LYS A 91 -27.37 -21.51 10.02
CA LYS A 91 -26.36 -20.52 9.58
C LYS A 91 -27.01 -19.13 9.46
N LYS A 92 -28.15 -19.01 8.75
CA LYS A 92 -28.74 -17.71 8.31
C LYS A 92 -29.77 -17.21 9.35
N PHE A 93 -29.94 -17.88 10.48
CA PHE A 93 -31.06 -17.60 11.42
C PHE A 93 -30.91 -16.19 12.01
N ARG A 94 -29.76 -15.91 12.62
CA ARG A 94 -29.48 -14.60 13.25
C ARG A 94 -29.80 -13.52 12.21
N SER A 95 -29.18 -13.64 11.05
CA SER A 95 -29.34 -12.63 9.98
C SER A 95 -30.83 -12.50 9.64
N ASN A 96 -31.55 -13.63 9.56
CA ASN A 96 -33.00 -13.65 9.22
C ASN A 96 -33.82 -12.99 10.33
N PHE A 97 -33.66 -13.42 11.58
CA PHE A 97 -34.29 -12.82 12.78
C PHE A 97 -34.20 -11.28 12.74
N CYS A 98 -33.00 -10.77 12.47
CA CYS A 98 -32.71 -9.31 12.49
C CYS A 98 -33.47 -8.61 11.38
N GLU A 99 -33.48 -9.22 10.20
CA GLU A 99 -34.10 -8.68 8.97
C GLU A 99 -35.60 -8.63 9.20
N PHE A 100 -36.13 -9.70 9.79
CA PHE A 100 -37.57 -9.83 10.09
C PHE A 100 -38.03 -8.56 10.80
N ILE A 101 -37.26 -8.15 11.82
CA ILE A 101 -37.64 -7.08 12.78
C ILE A 101 -37.63 -5.74 12.04
N GLY A 102 -36.69 -5.55 11.13
CA GLY A 102 -36.64 -4.33 10.31
C GLY A 102 -37.75 -4.31 9.30
N VAL A 103 -38.14 -5.45 8.78
CA VAL A 103 -39.21 -5.57 7.75
C VAL A 103 -40.54 -5.33 8.50
N LEU A 104 -40.73 -5.99 9.62
CA LEU A 104 -41.94 -5.82 10.44
C LEU A 104 -42.19 -4.34 10.66
N ILE A 105 -41.20 -3.64 11.19
CA ILE A 105 -41.38 -2.24 11.66
C ILE A 105 -41.39 -1.28 10.48
N ARG A 106 -40.53 -1.46 9.49
CA ARG A 106 -40.53 -0.66 8.24
C ARG A 106 -41.98 -0.66 7.72
N GLN A 107 -42.64 -1.83 7.71
CA GLN A 107 -44.00 -2.02 7.12
C GLN A 107 -45.10 -1.45 8.03
N CYS A 108 -44.92 -1.46 9.35
CA CYS A 108 -45.90 -0.90 10.32
C CYS A 108 -45.64 0.57 10.60
N GLN A 109 -44.73 1.25 9.88
CA GLN A 109 -44.14 2.53 10.37
C GLN A 109 -45.10 3.71 10.24
N TYR A 110 -46.14 3.60 9.40
CA TYR A 110 -47.03 4.72 9.02
C TYR A 110 -48.36 4.70 9.77
N SER A 111 -48.80 3.55 10.30
CA SER A 111 -50.05 3.44 11.08
C SER A 111 -49.85 2.61 12.37
N ILE A 112 -49.72 1.29 12.25
CA ILE A 112 -49.82 0.31 13.38
C ILE A 112 -48.87 0.69 14.53
N ILE A 113 -47.66 1.15 14.22
CA ILE A 113 -46.59 1.51 15.20
C ILE A 113 -47.12 2.57 16.19
N TYR A 114 -47.96 3.49 15.71
CA TYR A 114 -48.55 4.63 16.45
C TYR A 114 -49.87 4.24 17.15
N ASP A 115 -50.45 3.10 16.82
CA ASP A 115 -51.53 2.56 17.67
C ASP A 115 -50.80 2.26 18.96
N GLU A 116 -51.41 2.48 20.12
CA GLU A 116 -50.73 2.39 21.43
C GLU A 116 -50.89 0.97 21.99
N TYR A 117 -50.92 -0.06 21.15
CA TYR A 117 -51.14 -1.46 21.57
C TYR A 117 -50.04 -2.41 21.03
N MET A 118 -49.62 -2.23 19.79
CA MET A 118 -48.69 -3.18 19.11
C MET A 118 -47.28 -3.01 19.73
N MET A 119 -46.69 -1.82 19.62
CA MET A 119 -45.32 -1.54 20.15
C MET A 119 -45.26 -1.73 21.67
N ASP A 120 -46.29 -1.35 22.42
CA ASP A 120 -46.32 -1.53 23.89
C ASP A 120 -46.26 -3.02 24.25
N THR A 121 -46.94 -3.87 23.50
CA THR A 121 -47.00 -5.33 23.74
C THR A 121 -45.61 -5.92 23.53
N VAL A 122 -45.06 -5.71 22.33
CA VAL A 122 -43.71 -6.21 21.90
C VAL A 122 -42.66 -5.76 22.93
N ILE A 123 -42.60 -4.47 23.24
CA ILE A 123 -41.51 -3.91 24.10
C ILE A 123 -41.62 -4.47 25.52
N SER A 124 -42.84 -4.68 26.01
CA SER A 124 -43.05 -5.19 27.39
C SER A 124 -42.60 -6.64 27.43
N LEU A 125 -42.91 -7.37 26.36
CA LEU A 125 -42.53 -8.79 26.27
C LEU A 125 -40.99 -8.88 26.25
N LEU A 126 -40.37 -8.10 25.35
CA LEU A 126 -38.89 -8.04 25.18
C LEU A 126 -38.24 -7.60 26.50
N THR A 127 -38.76 -6.54 27.13
CA THR A 127 -38.23 -6.07 28.43
C THR A 127 -38.22 -7.27 29.38
N GLY A 128 -39.38 -7.89 29.61
CA GLY A 128 -39.55 -9.03 30.54
C GLY A 128 -38.60 -10.17 30.22
N LEU A 129 -38.50 -10.61 28.96
CA LEU A 129 -37.56 -11.68 28.56
C LEU A 129 -36.11 -11.27 28.87
N SER A 130 -35.79 -9.98 28.73
CA SER A 130 -34.43 -9.44 28.98
C SER A 130 -34.09 -9.48 30.48
N ASP A 131 -35.06 -9.64 31.38
CA ASP A 131 -34.81 -9.85 32.84
C ASP A 131 -34.80 -11.33 33.21
N SER A 132 -34.82 -12.25 32.24
CA SER A 132 -34.95 -13.71 32.48
C SER A 132 -33.59 -14.32 32.89
N GLN A 133 -33.61 -15.23 33.85
CA GLN A 133 -32.45 -16.08 34.23
C GLN A 133 -32.02 -16.93 33.03
N VAL A 134 -32.95 -17.32 32.16
CA VAL A 134 -32.65 -18.20 30.98
C VAL A 134 -31.85 -17.38 29.96
N ARG A 135 -30.61 -17.78 29.74
CA ARG A 135 -29.64 -17.19 28.77
C ARG A 135 -30.34 -17.04 27.41
N ALA A 136 -30.96 -18.12 26.91
CA ALA A 136 -31.65 -18.15 25.60
C ALA A 136 -32.61 -16.95 25.48
N PHE A 137 -33.33 -16.64 26.56
CA PHE A 137 -34.38 -15.59 26.59
C PHE A 137 -33.74 -14.20 26.56
N ARG A 138 -32.74 -13.98 27.42
CA ARG A 138 -31.98 -12.71 27.49
C ARG A 138 -31.32 -12.44 26.14
N HIS A 139 -30.60 -13.42 25.58
CA HIS A 139 -29.86 -13.27 24.30
C HIS A 139 -30.84 -12.92 23.18
N THR A 140 -31.95 -13.66 23.08
CA THR A 140 -32.90 -13.50 21.95
C THR A 140 -33.60 -12.14 22.08
N SER A 141 -34.03 -11.78 23.28
CA SER A 141 -34.88 -10.58 23.47
C SER A 141 -34.00 -9.34 23.27
N THR A 142 -32.77 -9.33 23.79
CA THR A 142 -31.89 -8.15 23.72
C THR A 142 -31.54 -7.91 22.25
N LEU A 143 -31.11 -8.96 21.55
CA LEU A 143 -30.78 -8.83 20.11
C LEU A 143 -32.00 -8.23 19.43
N ALA A 144 -33.22 -8.72 19.73
CA ALA A 144 -34.47 -8.24 19.11
C ALA A 144 -34.65 -6.76 19.45
N ALA A 145 -34.53 -6.41 20.72
CA ALA A 145 -34.77 -5.03 21.20
C ALA A 145 -33.75 -4.08 20.55
N MET A 146 -32.47 -4.49 20.48
CA MET A 146 -31.41 -3.68 19.83
C MET A 146 -31.74 -3.47 18.35
N LYS A 147 -32.20 -4.47 17.61
CA LYS A 147 -32.59 -4.25 16.19
C LYS A 147 -33.90 -3.44 16.15
N LEU A 148 -34.77 -3.61 17.14
CA LEU A 148 -36.04 -2.86 17.21
C LEU A 148 -35.66 -1.38 17.26
N MET A 149 -34.79 -1.03 18.20
CA MET A 149 -34.36 0.37 18.44
C MET A 149 -33.87 0.95 17.11
N THR A 150 -33.00 0.22 16.41
CA THR A 150 -32.42 0.70 15.13
C THR A 150 -33.55 0.90 14.10
N ALA A 151 -34.52 -0.02 14.05
CA ALA A 151 -35.72 0.12 13.17
C ALA A 151 -36.48 1.43 13.49
N LEU A 152 -36.76 1.69 14.77
CA LEU A 152 -37.34 2.97 15.27
C LEU A 152 -36.47 4.17 14.89
N VAL A 153 -35.16 4.10 15.06
CA VAL A 153 -34.28 5.23 14.62
C VAL A 153 -34.51 5.47 13.12
N ASN A 154 -34.58 4.44 12.28
CA ASN A 154 -34.82 4.63 10.82
C ASN A 154 -36.19 5.31 10.57
N VAL A 155 -37.23 4.90 11.30
CA VAL A 155 -38.55 5.59 11.31
C VAL A 155 -38.35 7.09 11.65
N ALA A 156 -37.66 7.41 12.74
CA ALA A 156 -37.39 8.80 13.18
C ALA A 156 -36.71 9.56 12.02
N LEU A 157 -35.70 8.97 11.39
CA LEU A 157 -35.02 9.61 10.24
C LEU A 157 -36.04 9.88 9.11
N ASN A 158 -36.96 8.95 8.83
CA ASN A 158 -37.98 9.15 7.76
C ASN A 158 -38.94 10.29 8.15
N LEU A 159 -39.40 10.32 9.40
CA LEU A 159 -40.24 11.41 9.93
C LEU A 159 -39.55 12.76 9.70
N SER A 160 -38.26 12.87 10.06
CA SER A 160 -37.45 14.11 9.94
C SER A 160 -37.60 14.71 8.53
N ILE A 161 -37.42 13.89 7.48
CA ILE A 161 -37.46 14.36 6.08
C ILE A 161 -38.82 15.03 5.84
N HIS A 162 -39.91 14.33 6.18
CA HIS A 162 -41.31 14.80 6.05
C HIS A 162 -41.48 16.07 6.90
N GLN A 163 -40.99 16.07 8.13
CA GLN A 163 -41.05 17.22 9.06
C GLN A 163 -40.39 18.47 8.44
N ASP A 164 -39.36 18.29 7.60
CA ASP A 164 -38.64 19.42 6.92
C ASP A 164 -39.49 19.93 5.76
N ASN A 165 -40.09 19.01 5.00
CA ASN A 165 -40.90 19.35 3.80
C ASN A 165 -42.18 20.04 4.28
N THR A 166 -42.75 19.58 5.40
CA THR A 166 -43.95 20.19 6.05
C THR A 166 -43.57 21.58 6.56
N GLN A 167 -42.38 21.76 7.15
CA GLN A 167 -41.91 23.05 7.72
C GLN A 167 -41.64 24.06 6.59
N ARG A 168 -41.08 23.63 5.46
CA ARG A 168 -40.76 24.50 4.28
C ARG A 168 -42.05 24.92 3.59
N GLN A 169 -43.01 23.98 3.51
CA GLN A 169 -44.36 24.23 2.93
C GLN A 169 -45.13 25.18 3.85
N TYR A 170 -45.02 25.00 5.18
CA TYR A 170 -45.78 25.82 6.17
C TYR A 170 -45.28 27.27 6.11
N GLU A 171 -43.98 27.44 5.87
CA GLU A 171 -43.29 28.76 5.77
C GLU A 171 -43.80 29.51 4.54
N ALA A 172 -43.75 28.85 3.38
CA ALA A 172 -44.12 29.40 2.05
C ALA A 172 -45.55 29.94 2.11
N GLU A 173 -46.42 29.27 2.87
CA GLU A 173 -47.87 29.55 3.00
C GLU A 173 -48.12 30.62 4.07
N ARG A 174 -47.31 30.66 5.13
CA ARG A 174 -47.41 31.64 6.25
C ARG A 174 -46.98 33.01 5.71
N ASN A 175 -45.85 33.04 5.03
CA ASN A 175 -45.38 34.22 4.24
C ASN A 175 -46.49 34.66 3.28
N LYS A 176 -46.95 33.78 2.39
CA LYS A 176 -47.91 34.12 1.30
C LYS A 176 -49.11 34.87 1.89
N MET A 177 -49.56 34.51 3.09
CA MET A 177 -50.72 35.16 3.76
C MET A 177 -50.25 36.47 4.42
N ILE A 178 -50.07 36.50 5.76
CA ILE A 178 -49.60 37.69 6.53
C ILE A 178 -50.54 38.88 6.25
N GLY A 179 -51.21 39.39 7.30
CA GLY A 179 -52.30 40.37 7.19
C GLY A 179 -53.62 39.73 6.83
N LYS A 180 -53.58 38.56 6.18
CA LYS A 180 -54.76 37.81 5.69
C LYS A 180 -55.18 36.77 6.74
N ARG A 181 -56.48 36.43 6.78
CA ARG A 181 -57.07 35.37 7.65
C ARG A 181 -56.38 34.03 7.31
N ALA A 182 -55.99 33.26 8.34
CA ALA A 182 -55.40 31.90 8.23
C ALA A 182 -56.38 30.97 7.49
N ASN A 183 -56.05 30.59 6.25
CA ASN A 183 -56.95 29.85 5.31
C ASN A 183 -56.92 28.35 5.64
N GLU A 184 -57.33 27.49 4.71
CA GLU A 184 -57.46 26.03 4.96
C GLU A 184 -56.10 25.34 4.77
N ARG A 185 -55.34 25.71 3.73
CA ARG A 185 -53.99 25.15 3.45
C ARG A 185 -53.10 25.32 4.69
N LEU A 186 -53.16 26.49 5.32
CA LEU A 186 -52.31 26.86 6.48
C LEU A 186 -52.72 26.00 7.69
N GLU A 187 -54.02 25.72 7.85
CA GLU A 187 -54.56 24.94 9.00
C GLU A 187 -54.18 23.46 8.87
N LEU A 188 -54.25 22.89 7.66
CA LEU A 188 -53.82 21.50 7.33
C LEU A 188 -52.32 21.34 7.64
N LEU A 189 -51.47 22.23 7.11
CA LEU A 189 -49.99 22.21 7.33
C LEU A 189 -49.66 22.43 8.81
N LEU A 190 -50.35 23.34 9.48
CA LEU A 190 -50.17 23.55 10.93
C LEU A 190 -50.65 22.29 11.68
N GLN A 191 -51.55 21.50 11.09
CA GLN A 191 -52.07 20.23 11.69
C GLN A 191 -51.16 19.05 11.30
N LYS A 192 -50.67 19.01 10.04
CA LYS A 192 -49.61 18.07 9.56
C LYS A 192 -48.44 18.11 10.56
N ARG A 193 -47.89 19.32 10.75
CA ARG A 193 -46.64 19.62 11.50
C ARG A 193 -46.79 19.20 12.96
N LYS A 194 -47.98 19.31 13.55
CA LYS A 194 -48.23 18.86 14.94
C LYS A 194 -48.20 17.33 14.95
N GLU A 195 -48.98 16.69 14.06
CA GLU A 195 -49.10 15.21 13.95
C GLU A 195 -47.68 14.63 13.88
N LEU A 196 -46.88 15.06 12.91
CA LEU A 196 -45.51 14.54 12.68
C LEU A 196 -44.69 14.66 13.97
N GLN A 197 -44.68 15.84 14.60
CA GLN A 197 -43.93 16.04 15.88
C GLN A 197 -44.53 15.13 16.95
N GLU A 198 -45.82 14.80 16.86
CA GLU A 198 -46.47 13.93 17.87
C GLU A 198 -46.02 12.48 17.59
N ASN A 199 -45.95 12.12 16.31
CA ASN A 199 -45.30 10.86 15.89
C ASN A 199 -43.87 10.79 16.46
N GLN A 200 -43.08 11.85 16.31
CA GLN A 200 -41.67 11.76 16.75
C GLN A 200 -41.59 11.58 18.26
N ASP A 201 -42.48 12.22 19.04
CA ASP A 201 -42.53 12.06 20.51
C ASP A 201 -42.70 10.58 20.85
N GLU A 202 -43.57 9.89 20.12
CA GLU A 202 -44.00 8.51 20.40
C GLU A 202 -42.81 7.59 20.08
N ILE A 203 -42.17 7.78 18.93
CA ILE A 203 -40.87 7.11 18.62
C ILE A 203 -39.89 7.40 19.78
N GLU A 204 -39.54 8.66 20.08
CA GLU A 204 -38.59 8.99 21.18
C GLU A 204 -38.97 8.22 22.44
N ASN A 205 -40.26 8.03 22.68
CA ASN A 205 -40.82 7.32 23.87
C ASN A 205 -40.44 5.83 23.84
N MET A 206 -40.73 5.14 22.72
CA MET A 206 -40.46 3.69 22.59
C MET A 206 -38.95 3.48 22.73
N MET A 207 -38.16 4.33 22.08
CA MET A 207 -36.68 4.31 22.23
C MET A 207 -36.28 4.46 23.71
N ASN A 208 -36.92 5.33 24.50
CA ASN A 208 -36.60 5.47 25.95
C ASN A 208 -36.92 4.16 26.69
N SER A 209 -38.11 3.58 26.49
CA SER A 209 -38.53 2.32 27.17
C SER A 209 -37.49 1.24 26.90
N ILE A 210 -37.13 1.06 25.62
CA ILE A 210 -36.08 0.09 25.18
C ILE A 210 -34.74 0.45 25.83
N PHE A 211 -34.27 1.70 25.73
CA PHE A 211 -32.98 2.15 26.31
C PHE A 211 -32.93 1.91 27.83
N LYS A 212 -33.88 2.45 28.60
CA LYS A 212 -33.88 2.41 30.09
C LYS A 212 -34.31 1.04 30.59
N GLY A 213 -35.11 0.30 29.83
CA GLY A 213 -35.65 -1.02 30.23
C GLY A 213 -34.68 -2.16 29.95
N ILE A 214 -33.99 -2.10 28.82
CA ILE A 214 -33.16 -3.22 28.30
C ILE A 214 -31.69 -2.79 28.26
N PHE A 215 -31.35 -1.78 27.44
CA PHE A 215 -29.93 -1.45 27.15
C PHE A 215 -29.18 -1.24 28.47
N VAL A 216 -29.57 -0.27 29.29
CA VAL A 216 -28.78 0.10 30.51
C VAL A 216 -28.55 -1.14 31.42
N HIS A 217 -29.38 -2.18 31.33
CA HIS A 217 -29.20 -3.42 32.13
C HIS A 217 -28.37 -4.45 31.35
N ARG A 218 -28.53 -4.55 30.05
CA ARG A 218 -27.98 -5.70 29.29
C ARG A 218 -26.53 -5.44 28.92
N TYR A 219 -26.10 -4.18 28.84
CA TYR A 219 -24.76 -3.85 28.30
C TYR A 219 -23.71 -4.34 29.29
N ARG A 220 -24.05 -4.45 30.57
CA ARG A 220 -23.23 -5.08 31.65
C ARG A 220 -23.70 -6.53 31.91
N ASP A 221 -24.24 -7.23 30.91
CA ASP A 221 -24.75 -8.62 31.11
C ASP A 221 -23.57 -9.52 31.49
N ALA A 222 -23.85 -10.59 32.23
CA ALA A 222 -22.91 -11.71 32.51
C ALA A 222 -22.36 -12.28 31.20
N ILE A 223 -23.22 -12.59 30.23
CA ILE A 223 -22.85 -13.21 28.92
C ILE A 223 -22.17 -12.16 28.03
N ALA A 224 -21.01 -12.47 27.47
CA ALA A 224 -20.20 -11.49 26.71
C ALA A 224 -20.92 -11.16 25.39
N GLU A 225 -21.57 -12.14 24.76
CA GLU A 225 -22.22 -11.88 23.46
C GLU A 225 -23.31 -10.80 23.62
N ILE A 226 -24.01 -10.80 24.76
CA ILE A 226 -25.10 -9.81 25.04
C ILE A 226 -24.47 -8.42 25.23
N ARG A 227 -23.33 -8.34 25.92
CA ARG A 227 -22.59 -7.07 26.09
C ARG A 227 -22.20 -6.55 24.71
N ALA A 228 -21.72 -7.43 23.84
CA ALA A 228 -21.20 -7.08 22.50
C ALA A 228 -22.34 -6.52 21.66
N ILE A 229 -23.53 -7.10 21.82
CA ILE A 229 -24.73 -6.80 21.00
C ILE A 229 -25.13 -5.36 21.31
N CYS A 230 -25.13 -5.02 22.60
CA CYS A 230 -25.54 -3.68 23.10
C CYS A 230 -24.58 -2.62 22.55
N ILE A 231 -23.28 -2.85 22.77
CA ILE A 231 -22.22 -1.90 22.38
C ILE A 231 -22.29 -1.72 20.87
N GLU A 232 -22.38 -2.80 20.11
CA GLU A 232 -22.36 -2.65 18.64
C GLU A 232 -23.51 -1.71 18.26
N GLU A 233 -24.67 -1.85 18.90
CA GLU A 233 -25.89 -1.19 18.40
C GLU A 233 -25.88 0.28 18.84
N ILE A 234 -25.43 0.60 20.06
CA ILE A 234 -25.43 2.03 20.49
C ILE A 234 -24.49 2.78 19.55
N GLY A 235 -23.45 2.12 19.06
CA GLY A 235 -22.56 2.69 18.05
C GLY A 235 -23.35 3.00 16.80
N VAL A 236 -24.21 2.08 16.42
CA VAL A 236 -25.10 2.29 15.24
C VAL A 236 -26.02 3.49 15.49
N TRP A 237 -26.68 3.63 16.65
CA TRP A 237 -27.61 4.76 16.93
C TRP A 237 -26.79 6.08 16.92
N MET A 238 -25.61 6.08 17.53
CA MET A 238 -24.76 7.28 17.62
C MET A 238 -24.35 7.77 16.21
N LYS A 239 -24.01 6.90 15.25
CA LYS A 239 -23.67 7.36 13.87
C LYS A 239 -24.93 7.80 13.11
N MET A 240 -26.05 7.06 13.21
CA MET A 240 -27.29 7.21 12.37
C MET A 240 -28.02 8.53 12.69
N TYR A 241 -28.13 8.81 14.00
CA TYR A 241 -28.95 9.84 14.65
C TYR A 241 -28.07 10.50 15.73
N SER A 242 -27.11 11.32 15.27
CA SER A 242 -26.07 12.01 16.09
C SER A 242 -26.71 12.94 17.14
N ASP A 243 -27.73 13.71 16.76
CA ASP A 243 -28.25 14.82 17.62
C ASP A 243 -28.85 14.22 18.88
N ALA A 244 -29.41 13.01 18.76
CA ALA A 244 -30.14 12.32 19.84
C ALA A 244 -29.20 11.46 20.69
N PHE A 245 -28.32 10.67 20.04
CA PHE A 245 -27.57 9.60 20.74
C PHE A 245 -26.09 9.97 20.95
N LEU A 246 -25.50 10.86 20.12
CA LEU A 246 -24.07 11.24 20.25
C LEU A 246 -23.92 12.39 21.25
N ASN A 247 -23.78 12.02 22.53
CA ASN A 247 -23.63 12.92 23.70
C ASN A 247 -22.95 12.12 24.80
N ASP A 248 -22.52 12.80 25.87
CA ASP A 248 -21.55 12.30 26.88
C ASP A 248 -22.24 11.34 27.85
N SER A 249 -23.56 11.39 27.93
CA SER A 249 -24.35 10.48 28.81
C SER A 249 -24.43 9.08 28.17
N TYR A 250 -24.79 9.00 26.87
CA TYR A 250 -24.75 7.74 26.09
C TYR A 250 -23.29 7.28 25.86
N LEU A 251 -22.35 8.19 25.57
CA LEU A 251 -20.92 7.81 25.29
C LEU A 251 -20.31 7.15 26.54
N LYS A 252 -20.70 7.56 27.74
CA LYS A 252 -20.13 6.99 29.00
C LYS A 252 -20.27 5.47 28.99
N TYR A 253 -21.34 4.93 28.39
CA TYR A 253 -21.58 3.47 28.27
C TYR A 253 -20.46 2.78 27.49
N VAL A 254 -20.02 3.43 26.39
CA VAL A 254 -19.03 2.86 25.43
C VAL A 254 -17.65 2.90 26.11
N GLY A 255 -17.28 4.05 26.65
CA GLY A 255 -16.04 4.25 27.42
C GLY A 255 -15.97 3.32 28.61
N TRP A 256 -17.07 3.17 29.38
CA TRP A 256 -17.06 2.32 30.60
C TRP A 256 -16.68 0.90 30.16
N THR A 257 -17.09 0.52 28.94
CA THR A 257 -16.97 -0.85 28.39
C THR A 257 -15.64 -1.07 27.68
N LEU A 258 -14.86 -0.02 27.39
CA LEU A 258 -13.45 -0.19 26.92
C LEU A 258 -12.71 -1.10 27.91
N HIS A 259 -13.03 -0.98 29.21
CA HIS A 259 -12.39 -1.75 30.32
C HIS A 259 -12.91 -3.19 30.38
N ASP A 260 -13.69 -3.66 29.40
CA ASP A 260 -14.35 -4.98 29.49
C ASP A 260 -13.27 -6.06 29.48
N ARG A 261 -13.56 -7.21 30.08
CA ARG A 261 -12.60 -8.33 30.26
C ARG A 261 -12.43 -9.10 28.94
N GLN A 262 -13.38 -9.02 27.99
CA GLN A 262 -13.38 -9.87 26.77
C GLN A 262 -12.97 -9.07 25.51
N GLY A 263 -12.08 -9.64 24.71
CA GLY A 263 -11.66 -9.08 23.41
C GLY A 263 -12.85 -8.74 22.54
N GLU A 264 -13.72 -9.73 22.30
CA GLU A 264 -14.98 -9.59 21.52
C GLU A 264 -15.60 -8.20 21.81
N VAL A 265 -15.72 -7.81 23.09
CA VAL A 265 -16.47 -6.61 23.54
C VAL A 265 -15.60 -5.36 23.43
N ARG A 266 -14.32 -5.48 23.80
CA ARG A 266 -13.36 -4.37 23.62
C ARG A 266 -13.35 -4.06 22.13
N LEU A 267 -13.31 -5.10 21.29
CA LEU A 267 -13.24 -4.95 19.82
C LEU A 267 -14.47 -4.12 19.39
N LYS A 268 -15.65 -4.46 19.88
CA LYS A 268 -16.87 -3.77 19.39
C LYS A 268 -16.79 -2.29 19.82
N CYS A 269 -16.47 -1.99 21.09
CA CYS A 269 -16.33 -0.58 21.54
C CYS A 269 -15.48 0.22 20.55
N LEU A 270 -14.38 -0.36 20.05
CA LEU A 270 -13.44 0.37 19.16
C LEU A 270 -14.05 0.55 17.76
N LYS A 271 -14.73 -0.49 17.26
CA LYS A 271 -15.39 -0.42 15.93
C LYS A 271 -16.43 0.70 15.97
N ALA A 272 -17.13 0.88 17.09
CA ALA A 272 -18.19 1.89 17.26
C ALA A 272 -17.57 3.29 17.25
N LEU A 273 -16.56 3.51 18.07
CA LEU A 273 -15.82 4.81 18.10
C LEU A 273 -15.16 5.03 16.73
N GLN A 274 -14.69 4.00 16.03
CA GLN A 274 -14.07 4.21 14.69
C GLN A 274 -15.10 4.88 13.75
N SER A 275 -16.34 4.41 13.75
CA SER A 275 -17.36 4.88 12.79
C SER A 275 -17.69 6.36 13.10
N LEU A 276 -17.58 6.77 14.36
CA LEU A 276 -17.81 8.18 14.75
C LEU A 276 -16.61 9.03 14.32
N TYR A 277 -15.39 8.67 14.74
CA TYR A 277 -14.22 9.58 14.58
C TYR A 277 -13.84 9.76 13.11
N THR A 278 -14.22 8.84 12.20
CA THR A 278 -13.96 8.98 10.73
C THR A 278 -14.72 10.17 10.18
N ASN A 279 -15.93 10.42 10.68
CA ASN A 279 -16.76 11.59 10.28
C ASN A 279 -16.19 12.86 10.96
N ARG A 280 -15.30 13.57 10.25
CA ARG A 280 -14.82 14.94 10.60
C ARG A 280 -16.00 15.89 10.58
N GLU A 281 -16.87 15.85 11.59
CA GLU A 281 -18.13 16.64 11.61
C GLU A 281 -18.81 16.46 12.97
N LEU A 282 -18.92 15.23 13.46
CA LEU A 282 -19.33 14.98 14.87
C LEU A 282 -18.07 14.89 15.74
N PHE A 283 -16.91 15.00 15.10
CA PHE A 283 -15.57 15.11 15.74
C PHE A 283 -15.57 16.17 16.83
N PRO A 284 -16.12 17.39 16.63
CA PRO A 284 -16.37 18.31 17.75
C PRO A 284 -17.09 17.68 18.98
N LYS A 285 -18.11 16.84 18.78
CA LYS A 285 -18.95 16.29 19.89
C LYS A 285 -18.20 15.18 20.66
N LEU A 286 -17.03 14.76 20.18
CA LEU A 286 -16.24 13.69 20.84
C LEU A 286 -15.09 14.28 21.69
N GLU A 287 -14.94 15.60 21.75
CA GLU A 287 -13.81 16.28 22.44
C GLU A 287 -13.75 15.81 23.89
N LEU A 288 -14.83 16.01 24.65
CA LEU A 288 -14.88 15.69 26.10
C LEU A 288 -14.67 14.17 26.28
N PHE A 289 -15.24 13.36 25.39
CA PHE A 289 -15.11 11.87 25.39
C PHE A 289 -13.64 11.50 25.18
N THR A 290 -12.98 12.13 24.20
CA THR A 290 -11.53 11.94 23.88
C THR A 290 -10.66 12.34 25.08
N ASN A 291 -10.89 13.49 25.72
CA ASN A 291 -10.13 13.90 26.94
C ASN A 291 -10.35 12.87 28.04
N ARG A 292 -11.57 12.32 28.17
CA ARG A 292 -11.94 11.47 29.34
C ARG A 292 -11.36 10.08 29.17
N PHE A 293 -11.24 9.57 27.95
CA PHE A 293 -10.86 8.14 27.74
C PHE A 293 -9.60 7.99 26.89
N LYS A 294 -8.90 9.08 26.56
CA LYS A 294 -7.63 9.02 25.76
C LYS A 294 -6.70 7.96 26.41
N ASP A 295 -6.62 7.93 27.74
CA ASP A 295 -5.67 7.04 28.46
C ASP A 295 -6.04 5.59 28.19
N ARG A 296 -7.32 5.24 28.26
CA ARG A 296 -7.75 3.83 28.05
C ARG A 296 -7.56 3.44 26.58
N ILE A 297 -7.95 4.32 25.68
CA ILE A 297 -7.92 4.06 24.20
C ILE A 297 -6.47 3.75 23.81
N VAL A 298 -5.59 4.63 24.25
CA VAL A 298 -4.14 4.65 23.91
C VAL A 298 -3.48 3.39 24.53
N SER A 299 -3.88 2.99 25.74
CA SER A 299 -3.42 1.75 26.41
C SER A 299 -3.77 0.50 25.59
N MET A 300 -4.87 0.50 24.84
CA MET A 300 -5.38 -0.70 24.14
C MET A 300 -4.59 -0.89 22.83
N THR A 301 -3.75 0.07 22.44
CA THR A 301 -2.88 -0.09 21.24
C THR A 301 -1.94 -1.29 21.45
N LEU A 302 -1.72 -1.71 22.71
CA LEU A 302 -0.86 -2.87 23.09
C LEU A 302 -1.70 -3.88 23.90
N ASP A 303 -2.95 -4.04 23.50
CA ASP A 303 -4.06 -4.56 24.33
C ASP A 303 -3.73 -5.92 24.94
N LYS A 304 -3.24 -6.88 24.15
CA LYS A 304 -3.03 -8.28 24.63
C LYS A 304 -3.71 -9.22 23.64
N GLU A 305 -4.93 -8.88 23.25
CA GLU A 305 -5.60 -9.48 22.07
C GLU A 305 -5.17 -8.70 20.82
N TYR A 306 -4.54 -9.39 19.88
CA TYR A 306 -3.88 -8.78 18.70
C TYR A 306 -4.88 -7.87 17.99
N ASP A 307 -6.07 -8.41 17.73
CA ASP A 307 -7.07 -7.78 16.82
C ASP A 307 -7.65 -6.54 17.51
N VAL A 308 -7.73 -6.55 18.85
CA VAL A 308 -8.17 -5.35 19.63
C VAL A 308 -7.12 -4.24 19.47
N ALA A 309 -5.84 -4.59 19.63
CA ALA A 309 -4.70 -3.68 19.47
C ALA A 309 -4.76 -3.04 18.07
N VAL A 310 -4.89 -3.85 17.02
CA VAL A 310 -4.97 -3.36 15.62
C VAL A 310 -6.08 -2.30 15.52
N GLU A 311 -7.20 -2.52 16.19
CA GLU A 311 -8.37 -1.62 16.11
C GLU A 311 -8.10 -0.38 16.98
N ALA A 312 -7.62 -0.58 18.20
CA ALA A 312 -7.14 0.53 19.06
C ALA A 312 -6.16 1.37 18.24
N ILE A 313 -5.25 0.76 17.50
CA ILE A 313 -4.23 1.56 16.77
C ILE A 313 -4.96 2.34 15.68
N ARG A 314 -5.93 1.71 14.99
CA ARG A 314 -6.61 2.36 13.84
C ARG A 314 -7.39 3.57 14.37
N LEU A 315 -7.99 3.43 15.56
CA LEU A 315 -8.82 4.47 16.22
C LEU A 315 -7.89 5.63 16.49
N VAL A 316 -6.78 5.35 17.18
CA VAL A 316 -5.83 6.41 17.60
C VAL A 316 -5.36 7.18 16.36
N THR A 317 -5.09 6.52 15.23
CA THR A 317 -4.61 7.25 14.03
C THR A 317 -5.76 8.12 13.49
N LEU A 318 -7.01 7.64 13.57
CA LEU A 318 -8.20 8.47 13.23
C LEU A 318 -8.17 9.71 14.12
N ILE A 319 -8.11 9.53 15.44
CA ILE A 319 -8.13 10.67 16.40
C ILE A 319 -6.99 11.63 16.03
N LEU A 320 -5.81 11.09 15.70
CA LEU A 320 -4.61 11.93 15.41
C LEU A 320 -4.94 12.84 14.23
N HIS A 321 -5.43 12.28 13.14
CA HIS A 321 -5.61 13.00 11.85
C HIS A 321 -6.66 14.11 12.04
N GLY A 322 -7.62 13.95 12.96
CA GLY A 322 -8.50 15.04 13.42
C GLY A 322 -7.88 15.85 14.55
N GLY B 3 -48.45 -22.28 4.72
CA GLY B 3 -47.01 -22.65 4.79
C GLY B 3 -46.25 -21.87 5.85
N GLY B 4 -46.43 -22.22 7.14
CA GLY B 4 -45.47 -21.93 8.22
C GLY B 4 -45.91 -20.88 9.24
N THR B 5 -45.58 -21.11 10.50
CA THR B 5 -45.57 -20.05 11.53
C THR B 5 -44.62 -18.91 11.08
N LEU B 6 -44.64 -17.82 11.81
CA LEU B 6 -43.62 -16.76 11.73
C LEU B 6 -42.23 -17.37 11.93
N PHE B 7 -42.05 -18.17 12.98
CA PHE B 7 -40.76 -18.85 13.30
C PHE B 7 -40.24 -19.63 12.09
N GLU B 8 -41.10 -20.36 11.38
CA GLU B 8 -40.68 -21.29 10.31
C GLU B 8 -40.29 -20.46 9.09
N VAL B 9 -41.05 -19.42 8.76
CA VAL B 9 -40.73 -18.56 7.58
C VAL B 9 -39.41 -17.84 7.82
N VAL B 10 -39.17 -17.40 9.05
CA VAL B 10 -37.95 -16.63 9.43
C VAL B 10 -36.76 -17.58 9.40
N LYS B 11 -36.88 -18.80 9.99
CA LYS B 11 -35.80 -19.83 10.01
C LYS B 11 -35.31 -20.12 8.59
N LEU B 12 -36.20 -20.48 7.67
CA LEU B 12 -35.84 -20.76 6.26
C LEU B 12 -35.34 -19.49 5.57
N GLY B 13 -35.88 -18.32 5.93
CA GLY B 13 -35.61 -17.05 5.22
C GLY B 13 -35.44 -17.24 3.72
N LYS B 14 -36.37 -17.94 3.08
CA LYS B 14 -36.37 -18.15 1.60
C LYS B 14 -36.35 -16.80 0.88
N SER B 15 -35.57 -16.69 -0.19
CA SER B 15 -35.54 -15.49 -1.07
C SER B 15 -36.85 -15.39 -1.84
N ALA B 16 -37.05 -14.28 -2.53
CA ALA B 16 -38.21 -14.11 -3.43
C ALA B 16 -38.22 -15.28 -4.42
N MET B 17 -37.12 -15.51 -5.11
CA MET B 17 -37.07 -16.52 -6.22
C MET B 17 -37.16 -17.95 -5.66
N GLN B 18 -36.68 -18.22 -4.44
CA GLN B 18 -36.83 -19.56 -3.81
C GLN B 18 -38.31 -19.87 -3.58
N SER B 19 -39.08 -18.89 -3.14
CA SER B 19 -40.52 -19.02 -2.84
C SER B 19 -41.29 -19.30 -4.13
N VAL B 20 -41.00 -18.55 -5.20
CA VAL B 20 -41.77 -18.70 -6.48
C VAL B 20 -41.36 -20.03 -7.15
N VAL B 21 -40.09 -20.44 -7.05
CA VAL B 21 -39.63 -21.74 -7.59
C VAL B 21 -40.30 -22.89 -6.82
N ASP B 22 -40.35 -22.85 -5.50
CA ASP B 22 -41.06 -23.89 -4.69
C ASP B 22 -42.51 -23.99 -5.19
N ASP B 23 -43.13 -22.83 -5.42
CA ASP B 23 -44.53 -22.75 -5.90
C ASP B 23 -44.59 -23.43 -7.27
N TRP B 24 -43.77 -22.97 -8.23
CA TRP B 24 -43.75 -23.54 -9.61
C TRP B 24 -43.52 -25.05 -9.57
N ILE B 25 -42.58 -25.54 -8.76
CA ILE B 25 -42.31 -27.01 -8.69
C ILE B 25 -43.57 -27.72 -8.18
N GLU B 26 -44.35 -27.10 -7.27
CA GLU B 26 -45.61 -27.71 -6.77
C GLU B 26 -46.68 -27.66 -7.88
N SER B 27 -46.73 -26.57 -8.67
CA SER B 27 -47.60 -26.42 -9.86
C SER B 27 -47.31 -27.54 -10.87
N TYR B 28 -46.02 -27.83 -11.10
CA TYR B 28 -45.49 -28.83 -12.08
C TYR B 28 -45.89 -30.25 -11.65
N LYS B 29 -45.91 -30.52 -10.34
CA LYS B 29 -46.27 -31.86 -9.79
C LYS B 29 -47.77 -32.12 -10.01
N GLN B 30 -48.62 -31.13 -9.75
CA GLN B 30 -50.06 -31.11 -10.11
C GLN B 30 -50.21 -31.42 -11.60
N ASP B 31 -49.63 -30.58 -12.45
CA ASP B 31 -49.95 -30.53 -13.90
C ASP B 31 -48.74 -30.00 -14.67
N ARG B 32 -47.94 -30.90 -15.24
CA ARG B 32 -46.68 -30.60 -15.96
C ARG B 32 -46.97 -29.59 -17.09
N ASP B 33 -48.08 -29.79 -17.80
CA ASP B 33 -48.42 -29.06 -19.05
C ASP B 33 -48.64 -27.57 -18.77
N ILE B 34 -49.46 -27.20 -17.78
CA ILE B 34 -49.81 -25.76 -17.58
C ILE B 34 -48.66 -25.09 -16.82
N ALA B 35 -47.89 -25.85 -16.01
CA ALA B 35 -46.69 -25.36 -15.29
C ALA B 35 -45.61 -25.00 -16.31
N LEU B 36 -45.36 -25.87 -17.28
CA LEU B 36 -44.47 -25.58 -18.44
C LEU B 36 -44.98 -24.39 -19.24
N LEU B 37 -46.29 -24.31 -19.46
CA LEU B 37 -46.92 -23.18 -20.21
C LEU B 37 -46.64 -21.87 -19.46
N ASP B 38 -46.76 -21.86 -18.12
CA ASP B 38 -46.43 -20.72 -17.22
C ASP B 38 -44.97 -20.30 -17.48
N LEU B 39 -44.07 -21.27 -17.49
CA LEU B 39 -42.62 -21.09 -17.76
C LEU B 39 -42.42 -20.48 -19.16
N ILE B 40 -43.13 -20.97 -20.20
CA ILE B 40 -42.97 -20.45 -21.59
C ILE B 40 -43.33 -18.96 -21.55
N ASN B 41 -44.52 -18.65 -21.05
CA ASN B 41 -45.08 -17.28 -21.01
C ASN B 41 -44.16 -16.36 -20.20
N PHE B 42 -43.41 -16.91 -19.23
CA PHE B 42 -42.51 -16.10 -18.36
C PHE B 42 -41.39 -15.49 -19.23
N PHE B 43 -40.75 -16.33 -20.03
CA PHE B 43 -39.64 -15.89 -20.92
C PHE B 43 -40.21 -14.97 -21.99
N ILE B 44 -41.43 -15.23 -22.46
CA ILE B 44 -42.13 -14.39 -23.47
C ILE B 44 -42.35 -13.00 -22.85
N GLN B 45 -42.89 -12.96 -21.64
CA GLN B 45 -43.34 -11.72 -20.97
C GLN B 45 -42.11 -10.94 -20.47
N CYS B 46 -41.04 -11.64 -20.06
CA CYS B 46 -39.75 -11.04 -19.61
C CYS B 46 -39.09 -10.25 -20.76
N SER B 47 -39.36 -10.63 -22.01
CA SER B 47 -38.99 -9.86 -23.24
C SER B 47 -39.71 -8.50 -23.28
N GLY B 48 -40.86 -8.39 -22.60
CA GLY B 48 -41.75 -7.22 -22.64
C GLY B 48 -42.88 -7.42 -23.62
N CYS B 49 -42.81 -8.49 -24.43
CA CYS B 49 -43.89 -8.95 -25.34
C CYS B 49 -45.19 -9.14 -24.53
N ARG B 50 -46.18 -8.29 -24.79
CA ARG B 50 -47.43 -8.13 -23.98
C ARG B 50 -48.28 -9.41 -24.10
N GLY B 51 -48.17 -10.13 -25.20
CA GLY B 51 -48.97 -11.34 -25.49
C GLY B 51 -48.73 -12.47 -24.49
N THR B 52 -49.44 -13.58 -24.69
CA THR B 52 -49.38 -14.80 -23.82
C THR B 52 -49.89 -15.98 -24.65
N VAL B 53 -49.55 -17.22 -24.26
CA VAL B 53 -49.72 -18.49 -25.03
C VAL B 53 -50.72 -19.37 -24.29
N ARG B 54 -51.69 -19.95 -25.00
CA ARG B 54 -52.76 -20.83 -24.44
C ARG B 54 -52.31 -22.29 -24.45
N ILE B 55 -52.86 -23.09 -23.52
CA ILE B 55 -52.58 -24.54 -23.35
C ILE B 55 -52.87 -25.26 -24.67
N GLU B 56 -53.72 -24.67 -25.51
CA GLU B 56 -54.20 -25.30 -26.77
C GLU B 56 -53.30 -24.84 -27.93
N MET B 57 -52.71 -23.64 -27.90
CA MET B 57 -51.56 -23.26 -28.78
C MET B 57 -50.41 -24.23 -28.49
N PHE B 58 -50.06 -24.34 -27.20
CA PHE B 58 -48.93 -25.14 -26.67
C PHE B 58 -49.04 -26.59 -27.17
N ARG B 59 -50.23 -27.20 -27.12
CA ARG B 59 -50.41 -28.63 -27.45
C ARG B 59 -50.49 -28.84 -28.97
N ASN B 60 -50.81 -27.79 -29.75
CA ASN B 60 -51.18 -27.93 -31.19
C ASN B 60 -50.03 -27.42 -32.07
N MET B 61 -49.47 -26.26 -31.74
CA MET B 61 -48.46 -25.53 -32.54
C MET B 61 -47.03 -25.90 -32.14
N GLN B 62 -46.10 -25.90 -33.11
CA GLN B 62 -44.64 -26.04 -32.87
C GLN B 62 -44.09 -24.78 -32.18
N ASN B 63 -42.88 -24.88 -31.61
CA ASN B 63 -42.09 -23.73 -31.09
C ASN B 63 -42.02 -22.59 -32.12
N ALA B 64 -41.71 -22.88 -33.38
CA ALA B 64 -41.48 -21.84 -34.43
C ALA B 64 -42.72 -20.94 -34.61
N GLU B 65 -43.92 -21.54 -34.65
CA GLU B 65 -45.19 -20.79 -34.85
C GLU B 65 -45.46 -19.93 -33.61
N ILE B 66 -45.35 -20.55 -32.43
CA ILE B 66 -45.61 -19.87 -31.12
C ILE B 66 -44.82 -18.56 -31.14
N ILE B 67 -43.53 -18.67 -31.49
CA ILE B 67 -42.58 -17.52 -31.54
C ILE B 67 -43.05 -16.56 -32.63
N ARG B 68 -43.32 -17.06 -33.84
CA ARG B 68 -43.80 -16.24 -34.99
C ARG B 68 -45.06 -15.47 -34.57
N LYS B 69 -45.98 -16.13 -33.86
CA LYS B 69 -47.27 -15.54 -33.40
C LYS B 69 -46.99 -14.48 -32.35
N MET B 70 -46.15 -14.79 -31.35
CA MET B 70 -45.74 -13.81 -30.31
C MET B 70 -44.91 -12.69 -30.94
N THR B 71 -44.07 -12.99 -31.96
CA THR B 71 -43.33 -12.00 -32.79
C THR B 71 -44.29 -10.93 -33.31
N GLU B 72 -45.27 -11.33 -34.14
CA GLU B 72 -46.24 -10.40 -34.80
C GLU B 72 -47.01 -9.65 -33.70
N GLU B 73 -46.35 -8.66 -33.11
CA GLU B 73 -46.82 -7.82 -31.97
C GLU B 73 -45.91 -6.57 -31.91
N ASP B 80 -37.41 -0.20 -25.85
CA ASP B 80 -36.79 -0.38 -24.51
C ASP B 80 -37.60 -1.43 -23.73
N TYR B 81 -36.98 -2.59 -23.44
CA TYR B 81 -37.63 -3.82 -22.88
C TYR B 81 -37.16 -4.03 -21.43
N PRO B 82 -37.85 -4.88 -20.62
CA PRO B 82 -37.56 -4.99 -19.19
C PRO B 82 -36.08 -5.09 -18.82
N LEU B 83 -35.26 -5.75 -19.64
CA LEU B 83 -33.85 -6.04 -19.30
C LEU B 83 -32.95 -4.82 -19.49
N THR B 84 -33.44 -3.73 -20.10
CA THR B 84 -32.64 -2.51 -20.42
C THR B 84 -33.23 -1.24 -19.79
N MET B 85 -33.97 -1.35 -18.68
CA MET B 85 -34.52 -0.21 -17.93
C MET B 85 -33.84 -0.15 -16.55
N GLY B 87 -33.90 1.97 -14.00
CA GLY B 87 -33.77 2.34 -12.58
C GLY B 87 -33.48 1.12 -11.70
N PRO B 88 -33.35 1.29 -10.36
CA PRO B 88 -32.93 0.20 -9.48
C PRO B 88 -34.04 -0.77 -9.03
N GLN B 89 -35.26 -0.63 -9.55
CA GLN B 89 -36.32 -1.68 -9.44
C GLN B 89 -35.99 -2.78 -10.47
N TRP B 90 -35.58 -2.36 -11.67
CA TRP B 90 -35.27 -3.27 -12.82
C TRP B 90 -33.88 -3.89 -12.64
N LYS B 91 -32.99 -3.28 -11.86
CA LYS B 91 -31.70 -3.92 -11.44
C LYS B 91 -32.02 -5.16 -10.60
N LYS B 92 -33.00 -5.05 -9.69
CA LYS B 92 -33.52 -6.17 -8.86
C LYS B 92 -34.25 -7.19 -9.76
N PHE B 93 -34.93 -6.75 -10.82
CA PHE B 93 -35.61 -7.64 -11.79
C PHE B 93 -34.59 -8.56 -12.48
N ARG B 94 -33.66 -7.96 -13.24
CA ARG B 94 -32.47 -8.61 -13.84
C ARG B 94 -31.90 -9.59 -12.81
N SER B 95 -31.51 -9.09 -11.66
CA SER B 95 -30.97 -9.95 -10.58
C SER B 95 -31.97 -11.09 -10.28
N ASN B 96 -33.27 -10.79 -10.24
CA ASN B 96 -34.34 -11.77 -9.89
C ASN B 96 -34.54 -12.79 -11.02
N PHE B 97 -34.66 -12.32 -12.25
CA PHE B 97 -34.59 -13.14 -13.48
C PHE B 97 -33.45 -14.17 -13.40
N CYS B 98 -32.22 -13.71 -13.19
CA CYS B 98 -31.04 -14.61 -13.20
C CYS B 98 -31.19 -15.63 -12.09
N GLU B 99 -31.50 -15.18 -10.89
CA GLU B 99 -31.54 -16.06 -9.69
C GLU B 99 -32.69 -17.06 -9.87
N PHE B 100 -33.80 -16.67 -10.53
CA PHE B 100 -34.91 -17.61 -10.82
C PHE B 100 -34.34 -18.83 -11.57
N ILE B 101 -33.65 -18.58 -12.69
CA ILE B 101 -33.15 -19.67 -13.57
C ILE B 101 -32.24 -20.57 -12.74
N GLY B 102 -31.32 -20.00 -11.97
CA GLY B 102 -30.36 -20.79 -11.20
C GLY B 102 -31.07 -21.57 -10.12
N VAL B 103 -32.08 -21.00 -9.48
CA VAL B 103 -32.72 -21.67 -8.31
C VAL B 103 -33.66 -22.73 -8.87
N LEU B 104 -34.33 -22.44 -9.99
CA LEU B 104 -35.20 -23.46 -10.65
C LEU B 104 -34.39 -24.75 -10.86
N ILE B 105 -33.34 -24.67 -11.67
CA ILE B 105 -32.54 -25.86 -12.08
C ILE B 105 -31.94 -26.55 -10.85
N ARG B 106 -31.49 -25.80 -9.82
CA ARG B 106 -30.86 -26.38 -8.60
C ARG B 106 -31.91 -27.22 -7.84
N GLN B 107 -33.15 -26.74 -7.77
CA GLN B 107 -34.27 -27.46 -7.08
C GLN B 107 -34.70 -28.69 -7.91
N CYS B 108 -34.73 -28.57 -9.24
CA CYS B 108 -35.16 -29.64 -10.17
C CYS B 108 -34.02 -30.63 -10.51
N GLN B 109 -32.86 -30.53 -9.87
CA GLN B 109 -31.65 -31.21 -10.40
C GLN B 109 -31.70 -32.72 -10.13
N TYR B 110 -32.59 -33.18 -9.24
CA TYR B 110 -32.59 -34.59 -8.75
C TYR B 110 -33.73 -35.42 -9.37
N SER B 111 -34.73 -34.82 -10.03
CA SER B 111 -35.74 -35.56 -10.79
C SER B 111 -36.13 -34.78 -12.05
N ILE B 112 -36.85 -33.69 -11.87
CA ILE B 112 -37.63 -33.01 -12.94
C ILE B 112 -36.72 -32.71 -14.14
N ILE B 113 -35.44 -32.42 -13.91
CA ILE B 113 -34.47 -32.02 -14.98
C ILE B 113 -34.30 -33.17 -15.99
N TYR B 114 -34.34 -34.42 -15.49
CA TYR B 114 -34.10 -35.68 -16.23
C TYR B 114 -35.39 -36.18 -16.89
N ASP B 115 -36.56 -35.95 -16.29
CA ASP B 115 -37.86 -36.08 -17.00
C ASP B 115 -37.65 -35.36 -18.34
N GLU B 116 -37.95 -36.05 -19.43
CA GLU B 116 -37.48 -35.72 -20.80
C GLU B 116 -38.48 -34.75 -21.42
N TYR B 117 -38.96 -33.78 -20.64
CA TYR B 117 -40.05 -32.85 -21.05
C TYR B 117 -39.65 -31.40 -20.72
N MET B 118 -39.37 -31.10 -19.45
CA MET B 118 -39.15 -29.69 -18.99
C MET B 118 -37.96 -29.08 -19.76
N MET B 119 -36.79 -29.73 -19.66
CA MET B 119 -35.50 -29.17 -20.11
C MET B 119 -35.53 -28.99 -21.62
N ASP B 120 -36.11 -29.95 -22.34
CA ASP B 120 -36.17 -29.90 -23.82
C ASP B 120 -37.05 -28.71 -24.26
N THR B 121 -38.15 -28.46 -23.56
CA THR B 121 -39.15 -27.39 -23.90
C THR B 121 -38.46 -26.03 -23.78
N VAL B 122 -37.87 -25.78 -22.61
CA VAL B 122 -37.15 -24.51 -22.28
C VAL B 122 -36.00 -24.29 -23.30
N ILE B 123 -35.06 -25.23 -23.39
CA ILE B 123 -33.87 -25.04 -24.27
C ILE B 123 -34.36 -24.73 -25.70
N SER B 124 -35.42 -25.43 -26.13
CA SER B 124 -36.02 -25.25 -27.48
C SER B 124 -36.61 -23.84 -27.60
N LEU B 125 -37.35 -23.40 -26.59
CA LEU B 125 -37.96 -22.03 -26.64
C LEU B 125 -36.85 -20.96 -26.70
N LEU B 126 -35.82 -21.05 -25.84
CA LEU B 126 -34.75 -20.00 -25.80
C LEU B 126 -33.93 -20.08 -27.10
N THR B 127 -33.57 -21.30 -27.59
CA THR B 127 -32.90 -21.48 -28.91
C THR B 127 -33.72 -20.72 -29.95
N GLY B 128 -35.03 -20.96 -29.96
CA GLY B 128 -35.97 -20.34 -30.92
C GLY B 128 -35.92 -18.84 -30.82
N LEU B 129 -36.28 -18.31 -29.64
CA LEU B 129 -36.25 -16.86 -29.33
C LEU B 129 -34.88 -16.25 -29.70
N SER B 130 -33.80 -16.98 -29.42
CA SER B 130 -32.41 -16.48 -29.61
C SER B 130 -32.12 -16.22 -31.09
N ASP B 131 -32.85 -16.83 -32.03
CA ASP B 131 -32.62 -16.62 -33.49
C ASP B 131 -33.50 -15.49 -34.04
N SER B 132 -34.35 -14.89 -33.21
CA SER B 132 -35.33 -13.86 -33.63
C SER B 132 -34.62 -12.59 -34.09
N GLN B 133 -35.15 -11.90 -35.10
CA GLN B 133 -34.66 -10.55 -35.49
C GLN B 133 -35.28 -9.48 -34.58
N VAL B 134 -35.96 -9.88 -33.49
CA VAL B 134 -36.49 -8.94 -32.45
C VAL B 134 -35.46 -8.80 -31.31
N ARG B 135 -35.01 -7.57 -31.09
CA ARG B 135 -33.98 -7.21 -30.08
C ARG B 135 -34.36 -7.87 -28.74
N ALA B 136 -35.54 -7.51 -28.23
CA ALA B 136 -35.99 -7.87 -26.87
C ALA B 136 -35.89 -9.40 -26.69
N PHE B 137 -36.09 -10.17 -27.77
CA PHE B 137 -36.20 -11.65 -27.70
C PHE B 137 -34.80 -12.27 -27.58
N ARG B 138 -33.84 -11.84 -28.42
CA ARG B 138 -32.45 -12.38 -28.43
C ARG B 138 -31.79 -12.07 -27.07
N HIS B 139 -31.86 -10.81 -26.64
CA HIS B 139 -31.27 -10.37 -25.37
C HIS B 139 -31.77 -11.25 -24.21
N THR B 140 -33.10 -11.33 -24.05
CA THR B 140 -33.80 -12.02 -22.93
C THR B 140 -33.49 -13.53 -22.94
N SER B 141 -33.68 -14.17 -24.09
CA SER B 141 -33.40 -15.62 -24.27
C SER B 141 -31.92 -15.91 -24.02
N THR B 142 -31.00 -15.09 -24.57
CA THR B 142 -29.53 -15.32 -24.41
C THR B 142 -29.16 -15.18 -22.93
N LEU B 143 -29.57 -14.10 -22.28
CA LEU B 143 -29.30 -13.98 -20.83
C LEU B 143 -29.76 -15.27 -20.16
N ALA B 144 -30.96 -15.74 -20.50
CA ALA B 144 -31.63 -16.88 -19.81
C ALA B 144 -30.86 -18.16 -20.07
N ALA B 145 -30.51 -18.40 -21.34
CA ALA B 145 -29.73 -19.58 -21.76
C ALA B 145 -28.37 -19.59 -21.04
N MET B 146 -27.69 -18.44 -20.98
CA MET B 146 -26.34 -18.35 -20.36
C MET B 146 -26.47 -18.73 -18.89
N LYS B 147 -27.50 -18.24 -18.20
CA LYS B 147 -27.71 -18.55 -16.77
C LYS B 147 -28.12 -20.02 -16.65
N LEU B 148 -28.99 -20.47 -17.56
CA LEU B 148 -29.39 -21.90 -17.66
C LEU B 148 -28.11 -22.72 -17.75
N MET B 149 -27.32 -22.40 -18.76
CA MET B 149 -26.03 -23.08 -19.01
C MET B 149 -25.26 -23.12 -17.69
N THR B 150 -25.16 -21.99 -16.97
CA THR B 150 -24.35 -21.97 -15.72
C THR B 150 -24.98 -22.94 -14.72
N ALA B 151 -26.31 -23.02 -14.67
CA ALA B 151 -27.00 -23.89 -13.69
C ALA B 151 -26.70 -25.36 -14.02
N LEU B 152 -26.66 -25.70 -15.32
CA LEU B 152 -26.42 -27.09 -15.77
C LEU B 152 -24.98 -27.43 -15.44
N VAL B 153 -24.06 -26.46 -15.58
CA VAL B 153 -22.63 -26.65 -15.19
C VAL B 153 -22.58 -27.00 -13.71
N ASN B 154 -23.44 -26.38 -12.90
CA ASN B 154 -23.48 -26.63 -11.43
C ASN B 154 -24.01 -28.05 -11.18
N VAL B 155 -25.03 -28.52 -11.92
CA VAL B 155 -25.53 -29.92 -11.78
C VAL B 155 -24.37 -30.90 -12.09
N ALA B 156 -23.69 -30.72 -13.23
CA ALA B 156 -22.58 -31.57 -13.73
C ALA B 156 -21.46 -31.63 -12.70
N LEU B 157 -21.22 -30.52 -12.01
CA LEU B 157 -20.12 -30.35 -11.03
C LEU B 157 -20.49 -31.11 -9.75
N ASN B 158 -21.79 -31.16 -9.42
CA ASN B 158 -22.34 -31.94 -8.28
C ASN B 158 -22.38 -33.43 -8.63
N LEU B 159 -22.61 -33.75 -9.91
CA LEU B 159 -22.61 -35.15 -10.41
C LEU B 159 -21.16 -35.66 -10.39
N SER B 160 -20.24 -35.00 -11.09
CA SER B 160 -18.80 -35.38 -11.17
C SER B 160 -18.16 -35.35 -9.77
N ILE B 161 -18.87 -34.91 -8.73
CA ILE B 161 -18.40 -34.97 -7.31
C ILE B 161 -19.10 -36.15 -6.61
N HIS B 162 -20.37 -36.42 -6.89
CA HIS B 162 -21.08 -37.68 -6.51
C HIS B 162 -20.43 -38.87 -7.24
N GLN B 163 -19.79 -38.64 -8.39
CA GLN B 163 -19.39 -39.69 -9.38
C GLN B 163 -18.10 -40.39 -8.93
N ASP B 164 -17.15 -39.64 -8.37
CA ASP B 164 -15.89 -40.19 -7.79
C ASP B 164 -15.95 -40.11 -6.26
N ASN B 165 -17.13 -39.86 -5.68
CA ASN B 165 -17.40 -40.08 -4.24
C ASN B 165 -18.02 -41.47 -4.09
N THR B 166 -18.50 -42.05 -5.20
CA THR B 166 -18.79 -43.50 -5.36
C THR B 166 -17.66 -44.10 -6.20
N GLN B 167 -16.45 -44.08 -5.64
CA GLN B 167 -15.20 -44.64 -6.21
C GLN B 167 -14.35 -45.15 -5.03
N ARG B 168 -14.11 -44.26 -4.05
CA ARG B 168 -13.64 -44.62 -2.69
C ARG B 168 -14.66 -45.60 -2.06
N GLN B 169 -15.95 -45.27 -2.10
CA GLN B 169 -17.06 -46.16 -1.62
C GLN B 169 -17.98 -46.49 -2.80
N LEU B 186 -20.93 -53.59 -3.56
CA LEU B 186 -20.62 -53.23 -4.97
C LEU B 186 -21.83 -53.48 -5.88
N GLU B 187 -22.93 -54.05 -5.35
CA GLU B 187 -24.10 -54.50 -6.15
C GLU B 187 -24.84 -53.27 -6.72
N LEU B 188 -25.36 -52.40 -5.85
CA LEU B 188 -26.11 -51.15 -6.21
C LEU B 188 -25.14 -49.99 -6.52
N LEU B 189 -23.82 -50.21 -6.39
CA LEU B 189 -22.75 -49.18 -6.62
C LEU B 189 -22.25 -49.26 -8.07
N LEU B 190 -22.24 -50.45 -8.68
CA LEU B 190 -21.94 -50.64 -10.12
C LEU B 190 -23.13 -50.09 -10.92
N GLN B 191 -24.35 -50.36 -10.41
CA GLN B 191 -25.64 -49.81 -10.93
C GLN B 191 -25.56 -48.28 -10.94
N LYS B 192 -25.45 -47.64 -9.76
CA LYS B 192 -25.46 -46.16 -9.57
C LYS B 192 -24.42 -45.50 -10.48
N ARG B 193 -23.20 -46.04 -10.55
CA ARG B 193 -22.05 -45.41 -11.26
C ARG B 193 -22.36 -45.28 -12.77
N LYS B 194 -23.31 -46.06 -13.30
CA LYS B 194 -23.77 -45.92 -14.71
C LYS B 194 -25.16 -45.26 -14.77
N GLU B 195 -25.75 -44.90 -13.62
CA GLU B 195 -26.92 -43.98 -13.53
C GLU B 195 -26.40 -42.54 -13.58
N LEU B 196 -25.45 -42.21 -12.70
CA LEU B 196 -24.73 -40.90 -12.69
C LEU B 196 -24.18 -40.60 -14.08
N GLN B 197 -23.60 -41.60 -14.75
CA GLN B 197 -23.00 -41.46 -16.10
C GLN B 197 -24.12 -41.19 -17.13
N GLU B 198 -25.30 -41.77 -16.95
CA GLU B 198 -26.46 -41.54 -17.87
C GLU B 198 -26.98 -40.13 -17.61
N ASN B 199 -27.17 -39.78 -16.33
CA ASN B 199 -27.42 -38.39 -15.84
C ASN B 199 -26.39 -37.46 -16.53
N GLN B 200 -25.10 -37.65 -16.22
CA GLN B 200 -23.97 -36.83 -16.76
C GLN B 200 -24.10 -36.70 -18.28
N ASP B 201 -24.36 -37.80 -18.99
CA ASP B 201 -24.54 -37.79 -20.46
C ASP B 201 -25.64 -36.79 -20.83
N GLU B 202 -26.75 -36.84 -20.09
CA GLU B 202 -27.99 -36.10 -20.43
C GLU B 202 -27.71 -34.61 -20.17
N ILE B 203 -26.99 -34.32 -19.08
CA ILE B 203 -26.58 -32.94 -18.73
C ILE B 203 -25.67 -32.40 -19.85
N GLU B 204 -24.68 -33.20 -20.29
CA GLU B 204 -23.75 -32.81 -21.40
C GLU B 204 -24.57 -32.48 -22.68
N ASN B 205 -25.58 -33.30 -23.01
CA ASN B 205 -26.41 -33.05 -24.23
C ASN B 205 -27.15 -31.72 -24.08
N MET B 206 -27.65 -31.42 -22.88
CA MET B 206 -28.38 -30.15 -22.64
C MET B 206 -27.39 -29.01 -22.83
N MET B 207 -26.22 -29.12 -22.19
CA MET B 207 -25.18 -28.06 -22.28
C MET B 207 -24.79 -27.91 -23.75
N ASN B 208 -24.55 -29.04 -24.44
CA ASN B 208 -24.10 -29.00 -25.85
C ASN B 208 -25.13 -28.23 -26.71
N SER B 209 -26.44 -28.47 -26.52
CA SER B 209 -27.53 -27.83 -27.32
C SER B 209 -27.56 -26.32 -27.05
N ILE B 210 -27.40 -25.91 -25.78
CA ILE B 210 -27.39 -24.45 -25.45
C ILE B 210 -26.18 -23.85 -26.16
N PHE B 211 -25.02 -24.50 -26.02
CA PHE B 211 -23.72 -24.05 -26.56
C PHE B 211 -23.74 -23.92 -28.09
N LYS B 212 -24.11 -24.98 -28.81
CA LYS B 212 -24.03 -24.99 -30.30
C LYS B 212 -25.24 -24.23 -30.86
N GLY B 213 -26.37 -24.23 -30.14
CA GLY B 213 -27.64 -23.60 -30.56
C GLY B 213 -27.71 -22.12 -30.26
N ILE B 214 -27.26 -21.71 -29.06
CA ILE B 214 -27.36 -20.28 -28.64
C ILE B 214 -25.97 -19.63 -28.60
N PHE B 215 -25.09 -20.08 -27.70
CA PHE B 215 -23.77 -19.44 -27.45
C PHE B 215 -23.08 -19.11 -28.78
N VAL B 216 -22.81 -20.13 -29.61
CA VAL B 216 -21.82 -20.00 -30.71
C VAL B 216 -22.31 -19.04 -31.78
N HIS B 217 -23.57 -18.58 -31.72
CA HIS B 217 -24.14 -17.57 -32.66
C HIS B 217 -24.22 -16.20 -31.98
N ARG B 218 -24.67 -16.21 -30.72
CA ARG B 218 -24.98 -14.99 -29.94
C ARG B 218 -23.67 -14.28 -29.53
N TYR B 219 -22.57 -14.99 -29.29
CA TYR B 219 -21.30 -14.34 -28.87
C TYR B 219 -20.88 -13.34 -29.96
N ARG B 220 -21.26 -13.58 -31.22
CA ARG B 220 -20.98 -12.72 -32.40
C ARG B 220 -22.14 -11.75 -32.66
N ASP B 221 -23.12 -11.68 -31.77
CA ASP B 221 -24.39 -10.93 -32.00
C ASP B 221 -24.07 -9.54 -32.54
N ALA B 222 -24.99 -8.97 -33.32
CA ALA B 222 -25.00 -7.56 -33.75
C ALA B 222 -24.85 -6.64 -32.55
N ILE B 223 -25.59 -6.93 -31.47
CA ILE B 223 -25.77 -6.04 -30.29
C ILE B 223 -24.71 -6.38 -29.23
N ALA B 224 -23.98 -5.35 -28.77
CA ALA B 224 -22.80 -5.45 -27.89
C ALA B 224 -23.16 -6.11 -26.55
N GLU B 225 -24.23 -5.66 -25.88
CA GLU B 225 -24.59 -6.21 -24.55
C GLU B 225 -24.77 -7.73 -24.67
N ILE B 226 -25.23 -8.25 -25.81
CA ILE B 226 -25.46 -9.72 -25.97
C ILE B 226 -24.11 -10.43 -25.98
N ARG B 227 -23.18 -9.96 -26.83
CA ARG B 227 -21.77 -10.43 -26.86
C ARG B 227 -21.22 -10.43 -25.44
N ALA B 228 -21.42 -9.34 -24.70
CA ALA B 228 -20.91 -9.16 -23.31
C ALA B 228 -21.45 -10.27 -22.42
N ILE B 229 -22.71 -10.64 -22.61
CA ILE B 229 -23.40 -11.63 -21.74
C ILE B 229 -22.79 -13.01 -21.98
N CYS B 230 -22.50 -13.35 -23.24
CA CYS B 230 -21.92 -14.68 -23.61
C CYS B 230 -20.47 -14.80 -23.12
N ILE B 231 -19.65 -13.75 -23.34
CA ILE B 231 -18.23 -13.72 -22.91
C ILE B 231 -18.16 -13.85 -21.39
N GLU B 232 -18.97 -13.07 -20.67
CA GLU B 232 -18.96 -13.14 -19.18
C GLU B 232 -19.22 -14.58 -18.75
N GLU B 233 -20.15 -15.26 -19.39
CA GLU B 233 -20.67 -16.55 -18.87
C GLU B 233 -19.70 -17.67 -19.24
N ILE B 234 -19.11 -17.65 -20.45
CA ILE B 234 -18.11 -18.70 -20.81
C ILE B 234 -16.98 -18.63 -19.79
N GLY B 235 -16.59 -17.42 -19.37
CA GLY B 235 -15.57 -17.21 -18.34
C GLY B 235 -15.96 -17.88 -17.04
N VAL B 236 -17.21 -17.68 -16.61
CA VAL B 236 -17.73 -18.35 -15.39
C VAL B 236 -17.60 -19.89 -15.58
N TRP B 237 -17.97 -20.46 -16.73
CA TRP B 237 -17.95 -21.95 -16.89
C TRP B 237 -16.50 -22.42 -16.76
N MET B 238 -15.58 -21.78 -17.51
CA MET B 238 -14.15 -22.18 -17.57
C MET B 238 -13.52 -22.12 -16.17
N LYS B 239 -14.00 -21.18 -15.35
CA LYS B 239 -13.52 -20.95 -13.96
C LYS B 239 -14.09 -22.04 -13.05
N MET B 240 -15.40 -22.34 -13.11
CA MET B 240 -16.13 -23.13 -12.07
C MET B 240 -15.90 -24.63 -12.32
N TYR B 241 -15.57 -25.01 -13.56
CA TYR B 241 -15.44 -26.42 -14.01
C TYR B 241 -14.34 -26.51 -15.10
N SER B 242 -13.11 -26.25 -14.68
CA SER B 242 -11.87 -26.21 -15.49
C SER B 242 -11.64 -27.54 -16.20
N ASP B 243 -11.68 -28.66 -15.44
CA ASP B 243 -11.47 -30.06 -15.94
C ASP B 243 -12.13 -30.21 -17.32
N ALA B 244 -13.35 -29.67 -17.49
CA ALA B 244 -14.24 -29.86 -18.64
C ALA B 244 -14.28 -28.63 -19.55
N PHE B 245 -14.15 -27.41 -19.02
CA PHE B 245 -14.43 -26.17 -19.80
C PHE B 245 -13.15 -25.38 -20.11
N LEU B 246 -12.14 -25.45 -19.24
CA LEU B 246 -10.86 -24.72 -19.48
C LEU B 246 -10.02 -25.50 -20.49
N ASN B 247 -10.27 -25.23 -21.76
CA ASN B 247 -9.60 -25.88 -22.90
C ASN B 247 -9.71 -24.96 -24.12
N ASP B 248 -8.97 -25.29 -25.16
CA ASP B 248 -8.70 -24.39 -26.29
C ASP B 248 -9.98 -24.31 -27.15
N SER B 249 -10.85 -25.32 -27.06
CA SER B 249 -12.13 -25.39 -27.81
C SER B 249 -13.07 -24.28 -27.31
N TYR B 250 -13.05 -24.02 -25.99
CA TYR B 250 -13.79 -22.89 -25.38
C TYR B 250 -12.95 -21.61 -25.45
N LEU B 251 -11.66 -21.66 -25.06
CA LEU B 251 -10.84 -20.44 -24.82
C LEU B 251 -10.76 -19.58 -26.08
N LYS B 252 -10.89 -20.15 -27.29
CA LYS B 252 -10.74 -19.36 -28.55
C LYS B 252 -11.82 -18.29 -28.67
N TYR B 253 -13.05 -18.59 -28.21
CA TYR B 253 -14.21 -17.67 -28.32
C TYR B 253 -13.87 -16.37 -27.60
N VAL B 254 -13.23 -16.52 -26.44
CA VAL B 254 -12.74 -15.36 -25.62
C VAL B 254 -11.63 -14.67 -26.42
N GLY B 255 -10.55 -15.40 -26.71
CA GLY B 255 -9.46 -14.99 -27.62
C GLY B 255 -9.94 -14.13 -28.78
N TRP B 256 -10.90 -14.63 -29.58
CA TRP B 256 -11.39 -13.94 -30.80
C TRP B 256 -12.10 -12.63 -30.45
N THR B 257 -12.72 -12.56 -29.27
CA THR B 257 -13.57 -11.40 -28.91
C THR B 257 -12.68 -10.31 -28.34
N LEU B 258 -11.43 -10.62 -27.99
CA LEU B 258 -10.43 -9.59 -27.57
C LEU B 258 -10.40 -8.50 -28.63
N HIS B 259 -10.65 -8.88 -29.88
CA HIS B 259 -10.64 -7.98 -31.06
C HIS B 259 -11.92 -7.14 -31.13
N ASP B 260 -12.90 -7.40 -30.27
CA ASP B 260 -14.24 -6.77 -30.35
C ASP B 260 -14.11 -5.24 -30.42
N ARG B 261 -14.91 -4.61 -31.29
CA ARG B 261 -14.85 -3.17 -31.63
C ARG B 261 -15.36 -2.35 -30.44
N GLN B 262 -16.03 -2.98 -29.47
CA GLN B 262 -16.69 -2.28 -28.33
C GLN B 262 -15.95 -2.49 -27.00
N GLY B 263 -15.84 -1.43 -26.21
CA GLY B 263 -15.02 -1.38 -24.99
C GLY B 263 -15.59 -2.32 -23.93
N GLU B 264 -16.90 -2.23 -23.68
CA GLU B 264 -17.59 -3.05 -22.64
C GLU B 264 -17.26 -4.54 -22.90
N VAL B 265 -17.03 -4.94 -24.17
CA VAL B 265 -16.82 -6.37 -24.49
C VAL B 265 -15.37 -6.75 -24.20
N ARG B 266 -14.42 -5.99 -24.77
CA ARG B 266 -12.96 -6.22 -24.56
C ARG B 266 -12.76 -6.39 -23.05
N LEU B 267 -13.38 -5.50 -22.26
CA LEU B 267 -13.40 -5.55 -20.77
C LEU B 267 -13.80 -6.94 -20.26
N LYS B 268 -14.93 -7.50 -20.72
CA LYS B 268 -15.44 -8.83 -20.24
C LYS B 268 -14.44 -9.94 -20.60
N CYS B 269 -13.90 -9.92 -21.82
CA CYS B 269 -12.82 -10.86 -22.24
C CYS B 269 -11.69 -10.82 -21.20
N LEU B 270 -11.19 -9.62 -20.87
CA LEU B 270 -10.02 -9.49 -19.95
C LEU B 270 -10.42 -9.99 -18.56
N LYS B 271 -11.63 -9.68 -18.11
CA LYS B 271 -12.16 -10.13 -16.79
C LYS B 271 -12.26 -11.66 -16.78
N ALA B 272 -12.76 -12.28 -17.86
CA ALA B 272 -12.87 -13.75 -17.97
C ALA B 272 -11.48 -14.36 -17.83
N LEU B 273 -10.51 -13.84 -18.56
CA LEU B 273 -9.12 -14.36 -18.55
C LEU B 273 -8.45 -14.07 -17.19
N GLN B 274 -8.57 -12.86 -16.64
CA GLN B 274 -7.98 -12.57 -15.30
C GLN B 274 -8.33 -13.73 -14.35
N SER B 275 -9.60 -14.08 -14.24
CA SER B 275 -10.09 -15.01 -13.18
C SER B 275 -9.41 -16.37 -13.35
N LEU B 276 -8.96 -16.69 -14.56
CA LEU B 276 -8.32 -18.01 -14.87
C LEU B 276 -6.83 -17.92 -14.54
N TYR B 277 -6.16 -16.87 -15.02
CA TYR B 277 -4.69 -16.71 -14.85
C TYR B 277 -4.39 -16.42 -13.37
N THR B 278 -5.39 -15.93 -12.61
CA THR B 278 -5.21 -15.39 -11.24
C THR B 278 -4.79 -16.50 -10.27
N ASN B 279 -4.42 -17.68 -10.76
CA ASN B 279 -3.37 -18.55 -10.15
C ASN B 279 -3.62 -20.02 -10.53
N ARG B 280 -3.36 -20.94 -9.59
CA ARG B 280 -3.71 -22.38 -9.65
C ARG B 280 -2.78 -23.09 -10.64
N GLU B 281 -2.81 -24.43 -10.64
CA GLU B 281 -2.13 -25.25 -11.67
C GLU B 281 -2.95 -25.13 -12.96
N LEU B 282 -3.51 -23.95 -13.21
CA LEU B 282 -4.35 -23.64 -14.40
C LEU B 282 -3.46 -23.17 -15.56
N PHE B 283 -2.25 -22.69 -15.28
CA PHE B 283 -1.29 -22.19 -16.30
C PHE B 283 -0.99 -23.25 -17.36
N PRO B 284 -0.70 -24.52 -17.00
CA PRO B 284 -0.57 -25.58 -18.01
C PRO B 284 -1.65 -25.48 -19.10
N LYS B 285 -2.92 -25.35 -18.70
CA LYS B 285 -4.07 -25.40 -19.63
C LYS B 285 -4.17 -24.08 -20.41
N LEU B 286 -3.54 -23.01 -19.91
CA LEU B 286 -3.52 -21.67 -20.57
C LEU B 286 -2.34 -21.60 -21.55
N GLU B 287 -1.35 -22.48 -21.39
CA GLU B 287 -0.02 -22.45 -22.05
C GLU B 287 -0.19 -22.03 -23.51
N LEU B 288 -0.88 -22.85 -24.28
CA LEU B 288 -1.02 -22.71 -25.75
C LEU B 288 -1.80 -21.44 -26.09
N PHE B 289 -2.85 -21.13 -25.31
CA PHE B 289 -3.73 -19.95 -25.50
C PHE B 289 -2.90 -18.68 -25.33
N THR B 290 -2.02 -18.67 -24.33
CA THR B 290 -1.04 -17.58 -24.08
C THR B 290 -0.22 -17.31 -25.35
N ASN B 291 0.43 -18.35 -25.89
CA ASN B 291 1.24 -18.28 -27.14
C ASN B 291 0.38 -17.59 -28.20
N ARG B 292 -0.85 -18.08 -28.36
CA ARG B 292 -1.68 -17.78 -29.55
C ARG B 292 -2.15 -16.33 -29.54
N PHE B 293 -2.41 -15.76 -28.36
CA PHE B 293 -3.10 -14.43 -28.22
C PHE B 293 -2.23 -13.42 -27.46
N LYS B 294 -1.03 -13.80 -27.00
CA LYS B 294 -0.09 -12.87 -26.31
C LYS B 294 0.01 -11.56 -27.12
N ASP B 295 0.10 -11.59 -28.46
CA ASP B 295 0.28 -10.38 -29.28
C ASP B 295 -0.90 -9.44 -29.03
N ARG B 296 -2.13 -9.97 -29.09
CA ARG B 296 -3.35 -9.14 -29.06
C ARG B 296 -3.54 -8.61 -27.63
N ILE B 297 -3.29 -9.48 -26.64
CA ILE B 297 -3.42 -9.14 -25.21
C ILE B 297 -2.55 -7.91 -24.88
N VAL B 298 -1.25 -8.07 -25.11
CA VAL B 298 -0.16 -7.08 -24.86
C VAL B 298 -0.50 -5.72 -25.53
N SER B 299 -1.12 -5.72 -26.71
CA SER B 299 -1.53 -4.49 -27.46
C SER B 299 -2.56 -3.69 -26.68
N MET B 300 -3.39 -4.38 -25.89
CA MET B 300 -4.55 -3.74 -25.21
C MET B 300 -4.09 -3.07 -23.90
N THR B 301 -2.81 -3.24 -23.50
CA THR B 301 -2.20 -2.49 -22.36
C THR B 301 -2.29 -0.99 -22.64
N LEU B 302 -2.32 -0.57 -23.91
CA LEU B 302 -2.51 0.84 -24.31
C LEU B 302 -3.79 0.93 -25.12
N ASP B 303 -4.85 0.31 -24.62
CA ASP B 303 -6.07 0.02 -25.41
C ASP B 303 -6.54 1.30 -26.11
N LYS B 304 -6.84 2.36 -25.36
CA LYS B 304 -7.54 3.58 -25.86
C LYS B 304 -8.67 3.94 -24.89
N GLU B 305 -9.47 2.93 -24.53
CA GLU B 305 -10.36 2.99 -23.36
C GLU B 305 -9.47 2.80 -22.12
N TYR B 306 -9.10 3.90 -21.48
CA TYR B 306 -8.54 3.83 -20.12
C TYR B 306 -9.52 3.01 -19.30
N ASP B 307 -9.22 1.74 -19.04
CA ASP B 307 -9.99 0.82 -18.14
C ASP B 307 -10.02 -0.58 -18.78
N VAL B 308 -10.13 -0.68 -20.11
CA VAL B 308 -9.65 -1.88 -20.85
C VAL B 308 -8.15 -1.98 -20.62
N ALA B 309 -7.45 -0.88 -20.94
CA ALA B 309 -6.00 -0.70 -20.79
C ALA B 309 -5.60 -1.15 -19.39
N VAL B 310 -6.31 -0.65 -18.36
CA VAL B 310 -6.04 -1.04 -16.94
C VAL B 310 -6.09 -2.58 -16.80
N GLU B 311 -7.13 -3.22 -17.36
CA GLU B 311 -7.41 -4.66 -17.14
C GLU B 311 -6.40 -5.53 -17.90
N ALA B 312 -6.03 -5.11 -19.12
CA ALA B 312 -4.94 -5.76 -19.91
C ALA B 312 -3.65 -5.73 -19.10
N ILE B 313 -3.33 -4.58 -18.49
CA ILE B 313 -2.09 -4.46 -17.67
C ILE B 313 -2.22 -5.46 -16.52
N ARG B 314 -3.34 -5.47 -15.79
CA ARG B 314 -3.54 -6.45 -14.69
C ARG B 314 -3.41 -7.88 -15.24
N LEU B 315 -3.99 -8.15 -16.42
CA LEU B 315 -3.96 -9.49 -17.07
C LEU B 315 -2.50 -9.85 -17.31
N VAL B 316 -1.78 -8.98 -18.04
CA VAL B 316 -0.37 -9.24 -18.46
C VAL B 316 0.46 -9.50 -17.19
N THR B 317 0.28 -8.70 -16.14
CA THR B 317 1.03 -8.89 -14.87
C THR B 317 0.78 -10.34 -14.42
N LEU B 318 -0.49 -10.78 -14.34
CA LEU B 318 -0.84 -12.14 -13.85
C LEU B 318 -0.15 -13.15 -14.75
N ILE B 319 -0.24 -12.94 -16.07
CA ILE B 319 0.44 -13.82 -17.07
C ILE B 319 1.95 -13.86 -16.79
N LEU B 320 2.55 -12.72 -16.45
CA LEU B 320 4.01 -12.61 -16.19
C LEU B 320 4.35 -13.46 -14.95
N HIS B 321 3.70 -13.19 -13.81
CA HIS B 321 3.86 -13.99 -12.56
C HIS B 321 3.21 -15.37 -12.76
N GLY B 322 3.89 -16.29 -13.47
CA GLY B 322 3.38 -17.63 -13.80
C GLY B 322 4.49 -18.66 -13.90
N GLY C 4 46.55 24.24 5.06
CA GLY C 4 46.47 25.07 6.31
C GLY C 4 46.19 24.26 7.58
N THR C 5 45.19 24.68 8.34
CA THR C 5 44.91 24.18 9.72
C THR C 5 43.97 22.97 9.60
N LEU C 6 43.99 22.04 10.58
CA LEU C 6 43.02 20.91 10.63
C LEU C 6 41.61 21.47 10.44
N PHE C 7 41.20 22.49 11.22
CA PHE C 7 39.88 23.16 11.07
C PHE C 7 39.64 23.57 9.61
N GLU C 8 40.62 24.24 9.00
CA GLU C 8 40.50 24.79 7.62
C GLU C 8 40.31 23.64 6.63
N VAL C 9 41.10 22.58 6.75
CA VAL C 9 41.05 21.42 5.82
C VAL C 9 39.71 20.67 5.99
N VAL C 10 39.20 20.54 7.20
CA VAL C 10 37.93 19.81 7.44
C VAL C 10 36.81 20.65 6.82
N LYS C 11 36.84 21.98 7.02
CA LYS C 11 35.83 22.93 6.50
C LYS C 11 35.82 22.78 4.97
N LEU C 12 36.96 22.99 4.34
CA LEU C 12 37.16 22.90 2.88
C LEU C 12 36.64 21.54 2.37
N GLY C 13 37.08 20.44 2.96
CA GLY C 13 36.60 19.08 2.63
C GLY C 13 36.90 18.69 1.19
N LYS C 14 38.07 19.02 0.65
CA LYS C 14 38.45 18.61 -0.73
C LYS C 14 38.79 17.12 -0.69
N SER C 15 38.23 16.34 -1.61
CA SER C 15 38.63 14.92 -1.82
C SER C 15 40.01 14.89 -2.49
N ALA C 16 40.63 13.72 -2.54
CA ALA C 16 41.97 13.54 -3.18
C ALA C 16 41.86 13.96 -4.65
N MET C 17 40.74 13.62 -5.31
CA MET C 17 40.53 13.87 -6.76
C MET C 17 40.20 15.35 -7.00
N GLN C 18 39.43 15.97 -6.11
CA GLN C 18 39.20 17.44 -6.12
C GLN C 18 40.55 18.16 -6.00
N SER C 19 41.49 17.60 -5.23
CA SER C 19 42.79 18.23 -4.92
C SER C 19 43.71 18.10 -6.13
N VAL C 20 43.72 16.94 -6.78
CA VAL C 20 44.67 16.71 -7.92
C VAL C 20 44.17 17.51 -9.12
N VAL C 21 42.85 17.70 -9.24
CA VAL C 21 42.25 18.53 -10.34
C VAL C 21 42.61 19.99 -10.11
N ASP C 22 42.53 20.48 -8.89
CA ASP C 22 43.06 21.83 -8.53
C ASP C 22 44.53 21.97 -8.95
N ASP C 23 45.36 20.99 -8.57
CA ASP C 23 46.80 20.93 -8.92
C ASP C 23 46.95 20.98 -10.44
N TRP C 24 46.20 20.12 -11.14
CA TRP C 24 46.25 19.97 -12.61
C TRP C 24 45.90 21.29 -13.31
N ILE C 25 44.97 22.05 -12.75
CA ILE C 25 44.56 23.35 -13.35
C ILE C 25 45.72 24.33 -13.21
N GLU C 26 46.41 24.34 -12.06
CA GLU C 26 47.63 25.16 -11.82
C GLU C 26 48.71 24.75 -12.84
N SER C 27 48.97 23.45 -12.98
CA SER C 27 49.92 22.89 -13.98
C SER C 27 49.56 23.33 -15.41
N TYR C 28 48.26 23.51 -15.69
CA TYR C 28 47.74 23.79 -17.06
C TYR C 28 47.99 25.27 -17.38
N LYS C 29 47.69 26.16 -16.43
CA LYS C 29 47.91 27.62 -16.59
C LYS C 29 49.41 27.92 -16.63
N GLN C 30 50.25 27.03 -16.08
CA GLN C 30 51.73 27.12 -16.18
C GLN C 30 52.13 26.73 -17.60
N ASP C 31 51.90 25.48 -18.00
CA ASP C 31 52.28 24.94 -19.34
C ASP C 31 51.20 23.95 -19.79
N ARG C 32 50.34 24.40 -20.72
CA ARG C 32 49.26 23.57 -21.32
C ARG C 32 49.79 22.17 -21.68
N ASP C 33 51.00 22.10 -22.24
CA ASP C 33 51.51 20.89 -22.95
C ASP C 33 51.83 19.75 -21.96
N ILE C 34 52.49 20.03 -20.84
CA ILE C 34 52.84 18.99 -19.81
C ILE C 34 51.54 18.48 -19.17
N ALA C 35 50.59 19.39 -18.92
CA ALA C 35 49.28 19.14 -18.25
C ALA C 35 48.44 18.19 -19.12
N LEU C 36 48.23 18.53 -20.40
CA LEU C 36 47.52 17.64 -21.36
C LEU C 36 48.29 16.33 -21.50
N LEU C 37 49.62 16.39 -21.47
CA LEU C 37 50.43 15.14 -21.55
C LEU C 37 49.98 14.24 -20.39
N ASP C 38 50.00 14.74 -19.15
CA ASP C 38 49.54 14.01 -17.93
C ASP C 38 48.10 13.53 -18.10
N LEU C 39 47.22 14.37 -18.68
CA LEU C 39 45.81 13.97 -18.97
C LEU C 39 45.81 12.84 -20.02
N ILE C 40 46.61 12.93 -21.10
CA ILE C 40 46.68 11.82 -22.12
C ILE C 40 47.17 10.55 -21.41
N ASN C 41 48.21 10.67 -20.63
CA ASN C 41 48.85 9.54 -19.91
C ASN C 41 47.87 8.97 -18.89
N PHE C 42 47.08 9.83 -18.24
CA PHE C 42 46.00 9.39 -17.32
C PHE C 42 45.02 8.49 -18.09
N PHE C 43 44.52 8.97 -19.23
CA PHE C 43 43.49 8.26 -20.04
C PHE C 43 44.04 6.94 -20.61
N ILE C 44 45.31 6.92 -21.03
CA ILE C 44 45.99 5.70 -21.56
C ILE C 44 46.09 4.64 -20.46
N GLN C 45 46.52 5.01 -19.26
CA GLN C 45 46.68 4.09 -18.10
C GLN C 45 45.32 3.54 -17.67
N CYS C 46 44.30 4.37 -17.65
CA CYS C 46 42.89 3.99 -17.34
C CYS C 46 42.44 2.89 -18.32
N SER C 47 42.86 2.98 -19.59
CA SER C 47 42.56 2.02 -20.68
C SER C 47 43.40 0.74 -20.57
N GLY C 48 44.08 0.51 -19.43
CA GLY C 48 44.90 -0.69 -19.15
C GLY C 48 46.35 -0.53 -19.57
N CYS C 49 46.62 0.12 -20.70
CA CYS C 49 47.95 0.25 -21.34
C CYS C 49 48.95 0.86 -20.35
N ARG C 50 50.18 0.33 -20.28
CA ARG C 50 51.26 0.79 -19.36
C ARG C 50 51.84 2.10 -19.90
N GLY C 51 50.97 3.11 -20.08
CA GLY C 51 51.20 4.24 -20.99
C GLY C 51 52.05 5.31 -20.36
N THR C 52 53.05 5.79 -21.10
CA THR C 52 54.00 6.85 -20.69
C THR C 52 54.61 7.47 -21.95
N VAL C 53 53.78 8.21 -22.70
CA VAL C 53 54.15 9.18 -23.77
C VAL C 53 55.01 10.28 -23.14
N ARG C 54 56.11 10.72 -23.78
CA ARG C 54 56.98 11.85 -23.33
C ARG C 54 56.64 13.10 -24.15
N ILE C 55 57.17 14.28 -23.80
CA ILE C 55 56.69 15.60 -24.33
C ILE C 55 57.10 15.70 -25.80
N GLU C 56 58.29 15.22 -26.16
CA GLU C 56 58.80 15.33 -27.55
C GLU C 56 57.83 14.56 -28.47
N MET C 57 57.43 13.33 -28.10
CA MET C 57 56.55 12.49 -28.96
C MET C 57 55.07 12.85 -28.75
N PHE C 58 54.75 13.81 -27.88
CA PHE C 58 53.39 14.43 -27.73
C PHE C 58 53.28 15.59 -28.73
N ARG C 59 54.35 16.38 -28.88
CA ARG C 59 54.37 17.61 -29.73
C ARG C 59 54.46 17.25 -31.22
N ASN C 60 55.20 16.20 -31.57
CA ASN C 60 55.40 15.78 -32.99
C ASN C 60 54.97 14.31 -33.19
N MET C 61 53.76 13.97 -32.74
CA MET C 61 52.98 12.78 -33.20
C MET C 61 51.49 13.14 -33.20
N GLN C 62 50.68 12.37 -33.92
CA GLN C 62 49.19 12.48 -33.99
C GLN C 62 48.58 11.32 -33.20
N ASN C 63 47.30 11.46 -32.81
CA ASN C 63 46.59 10.48 -31.94
C ASN C 63 46.77 9.05 -32.51
N ALA C 64 46.64 8.86 -33.82
CA ALA C 64 46.63 7.53 -34.49
C ALA C 64 47.93 6.78 -34.16
N GLU C 65 49.08 7.49 -34.24
CA GLU C 65 50.42 6.93 -33.88
C GLU C 65 50.34 6.48 -32.42
N ILE C 66 49.93 7.41 -31.54
CA ILE C 66 49.83 7.19 -30.07
C ILE C 66 48.97 5.95 -29.84
N ILE C 67 47.89 5.76 -30.61
CA ILE C 67 46.99 4.56 -30.47
C ILE C 67 47.70 3.31 -31.01
N ARG C 68 48.33 3.38 -32.19
CA ARG C 68 49.04 2.20 -32.78
C ARG C 68 50.04 1.74 -31.72
N LYS C 69 50.82 2.70 -31.20
CA LYS C 69 51.83 2.48 -30.14
C LYS C 69 51.15 1.69 -29.01
N MET C 70 50.06 2.24 -28.50
CA MET C 70 49.24 1.68 -27.39
C MET C 70 48.79 0.24 -27.66
N THR C 71 48.13 0.00 -28.81
CA THR C 71 47.65 -1.34 -29.27
C THR C 71 48.77 -2.39 -29.14
N GLU C 72 49.98 -2.07 -29.63
CA GLU C 72 51.17 -2.96 -29.63
C GLU C 72 51.54 -3.36 -28.19
N GLU C 73 51.15 -2.58 -27.18
CA GLU C 73 51.50 -2.81 -25.74
C GLU C 73 50.74 -4.03 -25.18
N PHE C 74 49.59 -4.39 -25.73
CA PHE C 74 48.80 -5.61 -25.37
C PHE C 74 49.29 -6.82 -26.17
N TYR C 81 41.70 -5.21 -17.59
CA TYR C 81 41.86 -3.73 -17.62
C TYR C 81 41.02 -3.08 -16.52
N PRO C 82 41.44 -1.91 -15.97
CA PRO C 82 40.90 -1.39 -14.69
C PRO C 82 39.37 -1.44 -14.53
N LEU C 83 38.62 -1.14 -15.60
CA LEU C 83 37.13 -1.12 -15.56
C LEU C 83 36.54 -2.52 -15.30
N THR C 84 37.35 -3.58 -15.41
CA THR C 84 36.89 -4.99 -15.20
C THR C 84 37.91 -5.82 -14.41
N MET C 85 38.97 -5.21 -13.82
CA MET C 85 39.98 -5.95 -13.01
C MET C 85 39.36 -6.31 -11.65
N PRO C 86 39.59 -7.53 -11.14
CA PRO C 86 38.99 -7.97 -9.88
C PRO C 86 39.89 -7.64 -8.68
N GLY C 87 39.44 -7.92 -7.47
CA GLY C 87 40.22 -7.72 -6.25
C GLY C 87 39.86 -6.42 -5.54
N PRO C 88 40.42 -6.17 -4.33
CA PRO C 88 39.97 -5.06 -3.49
C PRO C 88 40.25 -3.68 -4.10
N GLN C 89 41.42 -3.50 -4.73
CA GLN C 89 42.01 -2.17 -5.03
C GLN C 89 41.52 -1.64 -6.41
N TRP C 90 40.64 -2.38 -7.11
CA TRP C 90 40.01 -2.01 -8.41
C TRP C 90 38.49 -1.80 -8.27
N LYS C 91 37.92 -2.12 -7.11
CA LYS C 91 36.45 -2.28 -6.96
C LYS C 91 35.81 -0.91 -7.18
N LYS C 92 36.47 0.17 -6.77
CA LYS C 92 35.90 1.54 -6.82
C LYS C 92 36.34 2.24 -8.12
N PHE C 93 37.05 1.55 -9.02
CA PHE C 93 37.73 2.22 -10.15
C PHE C 93 36.68 2.96 -10.97
N ARG C 94 35.62 2.24 -11.35
CA ARG C 94 34.57 2.75 -12.25
C ARG C 94 34.04 4.06 -11.68
N SER C 95 33.52 3.99 -10.46
CA SER C 95 32.94 5.15 -9.74
C SER C 95 33.98 6.28 -9.75
N ASN C 96 35.21 6.00 -9.34
CA ASN C 96 36.23 7.06 -9.13
C ASN C 96 36.52 7.76 -10.46
N PHE C 97 36.77 6.98 -11.51
CA PHE C 97 36.97 7.41 -12.92
C PHE C 97 35.84 8.36 -13.37
N CYS C 98 34.59 8.01 -13.08
CA CYS C 98 33.42 8.84 -13.46
C CYS C 98 33.44 10.11 -12.61
N GLU C 99 33.67 10.00 -11.31
CA GLU C 99 33.67 11.20 -10.44
C GLU C 99 34.74 12.15 -10.99
N PHE C 100 35.91 11.63 -11.39
CA PHE C 100 37.09 12.48 -11.71
C PHE C 100 36.75 13.35 -12.92
N ILE C 101 36.01 12.78 -13.87
CA ILE C 101 35.70 13.46 -15.14
C ILE C 101 34.74 14.61 -14.82
N GLY C 102 33.77 14.34 -13.95
CA GLY C 102 32.81 15.34 -13.48
C GLY C 102 33.54 16.50 -12.82
N VAL C 103 34.53 16.20 -12.01
CA VAL C 103 35.24 17.20 -11.18
C VAL C 103 36.09 18.02 -12.12
N LEU C 104 36.80 17.33 -13.00
CA LEU C 104 37.71 17.94 -13.98
C LEU C 104 36.94 19.00 -14.76
N ILE C 105 35.77 18.63 -15.29
CA ILE C 105 35.06 19.52 -16.25
C ILE C 105 34.39 20.62 -15.43
N ARG C 106 33.85 20.27 -14.27
CA ARG C 106 33.17 21.21 -13.33
C ARG C 106 34.16 22.35 -13.02
N GLN C 107 35.37 22.00 -12.58
CA GLN C 107 36.42 22.97 -12.22
C GLN C 107 36.96 23.70 -13.47
N CYS C 108 36.99 23.08 -14.65
CA CYS C 108 37.51 23.79 -15.86
C CYS C 108 36.41 24.61 -16.54
N GLN C 109 35.18 24.64 -15.99
CA GLN C 109 33.99 25.02 -16.80
C GLN C 109 33.98 26.51 -17.18
N TYR C 110 34.72 27.37 -16.46
CA TYR C 110 34.55 28.84 -16.55
C TYR C 110 35.61 29.47 -17.46
N SER C 111 36.67 28.76 -17.85
CA SER C 111 37.69 29.33 -18.75
C SER C 111 38.39 28.24 -19.58
N ILE C 112 39.14 27.34 -18.96
CA ILE C 112 39.95 26.30 -19.65
C ILE C 112 39.12 25.55 -20.73
N ILE C 113 37.85 25.24 -20.47
CA ILE C 113 36.96 24.46 -21.39
C ILE C 113 36.85 25.18 -22.76
N TYR C 114 36.84 26.51 -22.75
CA TYR C 114 36.63 27.39 -23.92
C TYR C 114 37.94 27.75 -24.64
N ASP C 115 39.11 27.46 -24.07
CA ASP C 115 40.37 27.49 -24.84
C ASP C 115 40.28 26.33 -25.83
N GLU C 116 40.79 26.49 -27.05
CA GLU C 116 40.45 25.59 -28.17
C GLU C 116 41.59 24.57 -28.29
N TYR C 117 42.07 24.07 -27.15
CA TYR C 117 43.21 23.12 -27.07
C TYR C 117 42.85 21.97 -26.12
N MET C 118 42.40 22.25 -24.89
CA MET C 118 42.14 21.21 -23.85
C MET C 118 41.08 20.19 -24.31
N MET C 119 39.85 20.65 -24.57
CA MET C 119 38.72 19.79 -24.97
C MET C 119 38.96 19.11 -26.33
N ASP C 120 39.56 19.81 -27.32
CA ASP C 120 39.86 19.23 -28.66
C ASP C 120 40.77 18.00 -28.49
N THR C 121 41.80 18.14 -27.68
CA THR C 121 42.75 17.05 -27.36
C THR C 121 41.99 15.88 -26.72
N VAL C 122 41.22 16.14 -25.65
CA VAL C 122 40.50 15.09 -24.87
C VAL C 122 39.53 14.37 -25.83
N ILE C 123 38.67 15.11 -26.52
CA ILE C 123 37.63 14.49 -27.37
C ILE C 123 38.33 13.68 -28.47
N SER C 124 39.41 14.26 -29.00
CA SER C 124 40.17 13.69 -30.14
C SER C 124 40.69 12.31 -29.71
N LEU C 125 41.38 12.26 -28.57
CA LEU C 125 41.94 11.00 -28.03
C LEU C 125 40.80 10.00 -27.77
N LEU C 126 39.71 10.44 -27.10
CA LEU C 126 38.54 9.57 -26.80
C LEU C 126 37.97 9.02 -28.11
N THR C 127 37.80 9.88 -29.13
CA THR C 127 37.20 9.47 -30.42
C THR C 127 38.05 8.33 -31.01
N GLY C 128 39.37 8.49 -31.03
CA GLY C 128 40.31 7.49 -31.61
C GLY C 128 40.32 6.20 -30.83
N LEU C 129 40.40 6.28 -29.50
CA LEU C 129 40.29 5.09 -28.63
C LEU C 129 38.95 4.38 -28.87
N SER C 130 37.86 5.13 -29.11
CA SER C 130 36.50 4.53 -29.24
C SER C 130 36.41 3.71 -30.52
N ASP C 131 37.40 3.83 -31.43
CA ASP C 131 37.44 3.06 -32.70
C ASP C 131 38.34 1.83 -32.58
N SER C 132 39.22 1.79 -31.59
CA SER C 132 40.23 0.71 -31.45
C SER C 132 39.52 -0.66 -31.41
N GLN C 133 40.12 -1.65 -32.09
CA GLN C 133 39.69 -3.08 -32.08
C GLN C 133 39.87 -3.70 -30.68
N VAL C 134 40.57 -3.03 -29.76
CA VAL C 134 40.69 -3.53 -28.35
C VAL C 134 39.45 -3.11 -27.54
N ARG C 135 38.85 -4.07 -26.84
CA ARG C 135 37.70 -3.88 -25.91
C ARG C 135 38.10 -2.83 -24.85
N ALA C 136 39.25 -3.04 -24.19
CA ALA C 136 39.76 -2.21 -23.08
C ALA C 136 39.76 -0.72 -23.46
N PHE C 137 40.19 -0.39 -24.68
CA PHE C 137 40.25 1.00 -25.20
C PHE C 137 38.82 1.49 -25.44
N ARG C 138 38.03 0.68 -26.15
CA ARG C 138 36.67 1.05 -26.63
C ARG C 138 35.79 1.30 -25.40
N HIS C 139 35.83 0.38 -24.43
CA HIS C 139 35.06 0.41 -23.16
C HIS C 139 35.36 1.68 -22.34
N THR C 140 36.64 1.94 -22.03
CA THR C 140 37.10 3.04 -21.13
C THR C 140 36.86 4.39 -21.80
N SER C 141 37.12 4.46 -23.10
CA SER C 141 37.04 5.70 -23.88
C SER C 141 35.56 6.08 -24.02
N THR C 142 34.69 5.09 -24.13
CA THR C 142 33.23 5.30 -24.33
C THR C 142 32.61 5.72 -22.99
N LEU C 143 32.95 5.02 -21.91
CA LEU C 143 32.49 5.41 -20.56
C LEU C 143 32.89 6.87 -20.31
N ALA C 144 34.17 7.20 -20.57
CA ALA C 144 34.74 8.55 -20.34
C ALA C 144 33.97 9.59 -21.15
N ALA C 145 33.66 9.26 -22.41
CA ALA C 145 33.00 10.16 -23.39
C ALA C 145 31.57 10.46 -22.91
N MET C 146 30.84 9.42 -22.51
CA MET C 146 29.46 9.55 -21.99
C MET C 146 29.47 10.40 -20.70
N LYS C 147 30.44 10.20 -19.80
CA LYS C 147 30.47 11.01 -18.56
C LYS C 147 30.85 12.45 -18.90
N LEU C 148 31.75 12.64 -19.87
CA LEU C 148 32.21 13.99 -20.28
C LEU C 148 31.00 14.77 -20.82
N MET C 149 30.27 14.12 -21.71
CA MET C 149 29.01 14.65 -22.26
C MET C 149 28.09 15.10 -21.10
N THR C 150 27.92 14.26 -20.08
CA THR C 150 27.04 14.59 -18.94
C THR C 150 27.63 15.81 -18.21
N ALA C 151 28.94 15.83 -17.98
CA ALA C 151 29.61 17.00 -17.35
C ALA C 151 29.40 18.26 -18.19
N LEU C 152 29.39 18.15 -19.53
CA LEU C 152 29.16 19.32 -20.43
C LEU C 152 27.66 19.70 -20.42
N VAL C 153 26.77 18.73 -20.22
CA VAL C 153 25.31 19.04 -20.09
C VAL C 153 25.11 19.91 -18.83
N ASN C 154 25.78 19.59 -17.72
CA ASN C 154 25.75 20.43 -16.50
C ASN C 154 26.32 21.82 -16.82
N VAL C 155 27.43 21.91 -17.55
CA VAL C 155 27.99 23.25 -17.89
C VAL C 155 26.90 24.04 -18.59
N ALA C 156 26.23 23.41 -19.55
CA ALA C 156 25.15 24.04 -20.35
C ALA C 156 24.03 24.48 -19.39
N LEU C 157 23.69 23.62 -18.44
CA LEU C 157 22.57 23.85 -17.49
C LEU C 157 22.87 25.09 -16.65
N ASN C 158 24.08 25.17 -16.10
CA ASN C 158 24.66 26.38 -15.47
C ASN C 158 24.46 27.60 -16.39
N LEU C 159 24.84 27.51 -17.66
CA LEU C 159 24.76 28.68 -18.59
C LEU C 159 23.32 29.11 -18.77
N SER C 160 22.35 28.20 -18.88
CA SER C 160 20.93 28.55 -19.11
C SER C 160 20.33 29.22 -17.86
N ILE C 161 20.85 28.95 -16.66
CA ILE C 161 20.39 29.62 -15.41
C ILE C 161 20.90 31.06 -15.42
N HIS C 162 22.17 31.25 -15.78
CA HIS C 162 22.83 32.56 -16.00
C HIS C 162 22.10 33.33 -17.11
N GLN C 163 21.69 32.63 -18.18
CA GLN C 163 20.90 33.23 -19.28
C GLN C 163 19.54 33.68 -18.74
N ASP C 164 18.96 32.95 -17.80
CA ASP C 164 17.66 33.31 -17.15
C ASP C 164 17.86 34.59 -16.33
N ASN C 165 18.84 34.55 -15.41
CA ASN C 165 19.11 35.61 -14.41
C ASN C 165 19.67 36.86 -15.10
N THR C 166 19.66 36.90 -16.44
CA THR C 166 20.13 38.01 -17.30
C THR C 166 18.92 38.59 -18.04
N GLN C 167 18.12 37.72 -18.68
CA GLN C 167 16.78 38.03 -19.26
C GLN C 167 15.91 38.75 -18.22
N ARG C 168 16.04 38.38 -16.94
CA ARG C 168 15.25 38.99 -15.84
C ARG C 168 15.96 40.25 -15.32
N GLN C 169 17.29 40.25 -15.21
CA GLN C 169 18.10 41.48 -14.93
C GLN C 169 17.78 42.56 -15.98
N TYR C 170 17.46 42.18 -17.21
CA TYR C 170 17.00 43.06 -18.31
C TYR C 170 15.67 43.74 -17.94
N GLU C 171 14.86 43.10 -17.10
CA GLU C 171 13.64 43.68 -16.44
C GLU C 171 14.01 44.21 -15.06
N GLU C 187 22.02 47.62 -20.42
CA GLU C 187 22.98 47.97 -21.51
C GLU C 187 24.15 46.95 -21.53
N LEU C 188 24.95 46.92 -20.45
CA LEU C 188 25.98 45.90 -20.08
C LEU C 188 25.37 44.49 -20.19
N LEU C 189 24.08 44.38 -19.85
CA LEU C 189 23.28 43.12 -19.84
C LEU C 189 23.18 42.53 -21.24
N LEU C 190 22.85 43.34 -22.27
CA LEU C 190 22.72 42.84 -23.67
C LEU C 190 24.02 42.16 -24.09
N GLN C 191 25.17 42.60 -23.57
CA GLN C 191 26.50 42.02 -23.91
C GLN C 191 26.70 40.69 -23.16
N LYS C 192 26.24 40.61 -21.91
CA LYS C 192 26.28 39.36 -21.10
C LYS C 192 25.48 38.25 -21.80
N ARG C 193 24.22 38.56 -22.19
CA ARG C 193 23.33 37.67 -22.99
C ARG C 193 24.11 37.10 -24.16
N LYS C 194 24.87 37.96 -24.83
CA LYS C 194 25.60 37.64 -26.09
C LYS C 194 26.80 36.74 -25.78
N GLU C 195 27.56 37.03 -24.73
CA GLU C 195 28.70 36.18 -24.26
C GLU C 195 28.18 34.79 -23.84
N LEU C 196 27.04 34.70 -23.16
CA LEU C 196 26.50 33.40 -22.72
C LEU C 196 26.08 32.57 -23.94
N GLN C 197 25.56 33.18 -25.00
CA GLN C 197 25.18 32.46 -26.24
C GLN C 197 26.42 31.81 -26.86
N GLU C 198 27.50 32.58 -27.04
CA GLU C 198 28.73 32.08 -27.70
C GLU C 198 29.21 30.85 -26.94
N ASN C 199 29.14 30.93 -25.62
CA ASN C 199 29.61 29.85 -24.70
C ASN C 199 28.69 28.64 -24.90
N GLN C 200 27.39 28.82 -24.81
CA GLN C 200 26.45 27.70 -25.05
C GLN C 200 26.86 27.01 -26.36
N ASP C 201 27.03 27.80 -27.44
CA ASP C 201 27.36 27.31 -28.81
C ASP C 201 28.67 26.51 -28.79
N GLU C 202 29.65 26.94 -27.99
CA GLU C 202 30.94 26.23 -27.86
C GLU C 202 30.68 24.90 -27.14
N ILE C 203 29.97 24.95 -26.01
CA ILE C 203 29.49 23.73 -25.31
C ILE C 203 28.78 22.81 -26.31
N GLU C 204 27.90 23.35 -27.14
CA GLU C 204 27.10 22.53 -28.08
C GLU C 204 28.04 21.85 -29.07
N ASN C 205 29.04 22.55 -29.60
CA ASN C 205 30.08 21.99 -30.53
C ASN C 205 30.75 20.76 -29.92
N MET C 206 31.13 20.82 -28.65
CA MET C 206 31.83 19.69 -27.98
C MET C 206 30.84 18.53 -27.88
N MET C 207 29.59 18.79 -27.55
CA MET C 207 28.61 17.70 -27.35
C MET C 207 28.25 17.09 -28.70
N ASN C 208 28.16 17.91 -29.75
CA ASN C 208 27.97 17.45 -31.14
C ASN C 208 29.11 16.51 -31.54
N SER C 209 30.34 16.90 -31.24
CA SER C 209 31.58 16.19 -31.65
C SER C 209 31.67 14.81 -30.97
N ILE C 210 31.34 14.73 -29.67
CA ILE C 210 31.28 13.47 -28.86
C ILE C 210 30.13 12.61 -29.38
N PHE C 211 28.95 13.19 -29.60
CA PHE C 211 27.74 12.43 -30.02
C PHE C 211 27.96 11.82 -31.41
N LYS C 212 28.28 12.66 -32.40
CA LYS C 212 28.44 12.25 -33.82
C LYS C 212 29.69 11.37 -33.95
N GLY C 213 30.72 11.60 -33.15
CA GLY C 213 32.00 10.87 -33.26
C GLY C 213 32.05 9.56 -32.48
N ILE C 214 31.30 9.42 -31.38
CA ILE C 214 31.44 8.26 -30.43
C ILE C 214 30.07 7.61 -30.19
N PHE C 215 29.04 8.38 -29.83
CA PHE C 215 27.72 7.82 -29.45
C PHE C 215 27.18 6.95 -30.60
N VAL C 216 27.03 7.58 -31.77
CA VAL C 216 26.25 7.00 -32.90
C VAL C 216 26.93 5.74 -33.43
N HIS C 217 28.22 5.54 -33.17
CA HIS C 217 28.92 4.25 -33.48
C HIS C 217 28.80 3.32 -32.26
N ARG C 218 29.11 3.81 -31.06
CA ARG C 218 29.30 2.98 -29.85
C ARG C 218 27.96 2.44 -29.34
N TYR C 219 26.84 3.05 -29.67
CA TYR C 219 25.53 2.58 -29.16
C TYR C 219 25.18 1.23 -29.81
N ARG C 220 25.77 0.93 -30.99
CA ARG C 220 25.63 -0.37 -31.73
C ARG C 220 26.91 -1.20 -31.58
N ASP C 221 27.78 -0.91 -30.60
CA ASP C 221 29.06 -1.63 -30.36
C ASP C 221 28.76 -3.12 -30.32
N ALA C 222 29.74 -3.96 -30.64
CA ALA C 222 29.63 -5.44 -30.60
C ALA C 222 29.37 -5.92 -29.16
N ILE C 223 29.99 -5.25 -28.19
CA ILE C 223 29.95 -5.61 -26.74
C ILE C 223 28.72 -4.97 -26.09
N ALA C 224 27.96 -5.75 -25.32
CA ALA C 224 26.64 -5.37 -24.73
C ALA C 224 26.82 -4.27 -23.68
N GLU C 225 27.80 -4.39 -22.78
CA GLU C 225 28.07 -3.39 -21.71
C GLU C 225 28.28 -1.99 -22.32
N ILE C 226 28.93 -1.91 -23.48
CA ILE C 226 29.25 -0.60 -24.14
C ILE C 226 27.95 0.00 -24.70
N ARG C 227 27.06 -0.84 -25.24
CA ARG C 227 25.73 -0.39 -25.74
C ARG C 227 24.94 0.16 -24.55
N ALA C 228 24.96 -0.56 -23.42
CA ALA C 228 24.21 -0.22 -22.17
C ALA C 228 24.69 1.12 -21.64
N ILE C 229 26.01 1.33 -21.65
CA ILE C 229 26.68 2.58 -21.19
C ILE C 229 26.13 3.75 -22.02
N CYS C 230 26.01 3.59 -23.33
CA CYS C 230 25.54 4.67 -24.23
C CYS C 230 24.07 4.94 -23.95
N ILE C 231 23.25 3.90 -23.83
CA ILE C 231 21.78 4.06 -23.69
C ILE C 231 21.51 4.71 -22.34
N GLU C 232 22.16 4.24 -21.28
CA GLU C 232 21.90 4.80 -19.94
C GLU C 232 22.10 6.32 -19.98
N GLU C 233 23.19 6.78 -20.61
CA GLU C 233 23.61 8.19 -20.44
C GLU C 233 22.77 9.08 -21.33
N ILE C 234 22.36 8.61 -22.51
CA ILE C 234 21.42 9.41 -23.36
C ILE C 234 20.12 9.59 -22.57
N GLY C 235 19.77 8.63 -21.72
CA GLY C 235 18.59 8.76 -20.85
C GLY C 235 18.77 9.94 -19.92
N VAL C 236 19.93 9.99 -19.29
CA VAL C 236 20.35 11.08 -18.36
C VAL C 236 20.28 12.42 -19.10
N TRP C 237 20.85 12.57 -20.30
CA TRP C 237 20.87 13.90 -21.00
C TRP C 237 19.43 14.32 -21.22
N MET C 238 18.61 13.42 -21.77
CA MET C 238 17.17 13.67 -22.06
C MET C 238 16.43 14.05 -20.76
N LYS C 239 16.70 13.38 -19.64
CA LYS C 239 16.02 13.78 -18.39
C LYS C 239 16.48 15.17 -17.92
N MET C 240 17.80 15.42 -17.84
CA MET C 240 18.39 16.55 -17.06
C MET C 240 18.35 17.87 -17.86
N TYR C 241 18.30 17.81 -19.19
CA TYR C 241 18.24 19.02 -20.05
C TYR C 241 17.31 18.75 -21.23
N SER C 242 16.02 18.61 -20.91
CA SER C 242 14.97 18.09 -21.82
C SER C 242 14.79 19.06 -22.99
N ASP C 243 14.89 20.36 -22.75
CA ASP C 243 14.73 21.44 -23.76
C ASP C 243 15.68 21.20 -24.95
N ALA C 244 16.86 20.61 -24.73
CA ALA C 244 17.89 20.45 -25.79
C ALA C 244 17.88 19.01 -26.32
N PHE C 245 17.60 18.03 -25.47
CA PHE C 245 17.85 16.61 -25.81
C PHE C 245 16.56 15.84 -25.99
N LEU C 246 15.44 16.26 -25.38
CA LEU C 246 14.20 15.45 -25.43
C LEU C 246 13.41 15.84 -26.66
N ASN C 247 13.78 15.21 -27.78
CA ASN C 247 13.16 15.34 -29.12
C ASN C 247 13.45 14.04 -29.89
N ASP C 248 13.00 13.94 -31.13
CA ASP C 248 12.95 12.65 -31.86
C ASP C 248 14.35 12.27 -32.33
N SER C 249 15.22 13.24 -32.60
CA SER C 249 16.60 12.99 -33.11
C SER C 249 17.40 12.20 -32.08
N TYR C 250 17.10 12.39 -30.80
CA TYR C 250 17.74 11.66 -29.67
C TYR C 250 16.93 10.40 -29.33
N LEU C 251 15.59 10.49 -29.20
CA LEU C 251 14.74 9.37 -28.74
C LEU C 251 14.87 8.18 -29.70
N LYS C 252 14.89 8.44 -31.00
CA LYS C 252 14.98 7.36 -32.01
C LYS C 252 16.02 6.32 -31.57
N TYR C 253 17.15 6.76 -31.00
CA TYR C 253 18.28 5.87 -30.61
C TYR C 253 17.83 4.89 -29.53
N VAL C 254 17.03 5.34 -28.58
CA VAL C 254 16.54 4.49 -27.46
C VAL C 254 15.58 3.48 -28.08
N GLY C 255 14.63 3.99 -28.86
CA GLY C 255 13.66 3.22 -29.65
C GLY C 255 14.31 2.07 -30.41
N TRP C 256 15.23 2.37 -31.32
CA TRP C 256 15.85 1.34 -32.20
C TRP C 256 16.38 0.24 -31.28
N THR C 257 16.96 0.61 -30.15
CA THR C 257 17.75 -0.30 -29.28
C THR C 257 16.79 -1.13 -28.42
N LEU C 258 15.51 -0.76 -28.31
CA LEU C 258 14.49 -1.59 -27.63
C LEU C 258 14.57 -3.04 -28.17
N HIS C 259 14.80 -3.19 -29.48
CA HIS C 259 14.93 -4.49 -30.20
C HIS C 259 16.27 -5.19 -29.91
N ASP C 260 16.89 -5.03 -28.74
CA ASP C 260 18.33 -5.44 -28.56
C ASP C 260 18.36 -6.92 -28.17
N ARG C 261 19.42 -7.61 -28.57
CA ARG C 261 19.67 -9.05 -28.30
C ARG C 261 19.75 -9.28 -26.79
N GLN C 262 20.17 -8.27 -26.03
CA GLN C 262 20.66 -8.44 -24.63
C GLN C 262 19.67 -7.83 -23.64
N GLY C 263 19.31 -8.61 -22.62
CA GLY C 263 18.46 -8.22 -21.49
C GLY C 263 18.95 -6.92 -20.87
N GLU C 264 20.23 -6.91 -20.42
CA GLU C 264 20.99 -5.75 -19.85
C GLU C 264 20.62 -4.48 -20.61
N VAL C 265 20.66 -4.55 -21.96
CA VAL C 265 20.58 -3.36 -22.86
C VAL C 265 19.12 -2.94 -22.94
N ARG C 266 18.21 -3.92 -23.03
CA ARG C 266 16.75 -3.63 -23.15
C ARG C 266 16.30 -2.94 -21.86
N LEU C 267 16.79 -3.44 -20.73
CA LEU C 267 16.53 -2.91 -19.35
C LEU C 267 16.84 -1.42 -19.33
N LYS C 268 18.04 -1.06 -19.83
CA LYS C 268 18.54 0.33 -19.86
C LYS C 268 17.59 1.20 -20.70
N CYS C 269 17.16 0.73 -21.88
CA CYS C 269 16.19 1.48 -22.73
C CYS C 269 14.91 1.77 -21.93
N LEU C 270 14.44 0.84 -21.08
CA LEU C 270 13.14 0.99 -20.37
C LEU C 270 13.33 1.94 -19.18
N LYS C 271 14.33 1.70 -18.34
CA LYS C 271 14.69 2.61 -17.20
C LYS C 271 14.84 4.07 -17.70
N ALA C 272 15.63 4.28 -18.77
CA ALA C 272 15.76 5.60 -19.47
C ALA C 272 14.40 6.15 -19.84
N LEU C 273 13.56 5.37 -20.52
CA LEU C 273 12.20 5.84 -20.92
C LEU C 273 11.30 6.07 -19.70
N GLN C 274 11.29 5.18 -18.71
CA GLN C 274 10.49 5.39 -17.46
C GLN C 274 10.73 6.82 -16.95
N SER C 275 12.01 7.22 -16.83
CA SER C 275 12.40 8.49 -16.17
C SER C 275 11.82 9.69 -16.95
N LEU C 276 11.57 9.55 -18.24
CA LEU C 276 10.94 10.63 -19.04
C LEU C 276 9.42 10.62 -18.77
N TYR C 277 8.81 9.44 -18.83
CA TYR C 277 7.32 9.31 -18.77
C TYR C 277 6.80 9.57 -17.36
N THR C 278 7.58 9.39 -16.27
CA THR C 278 7.06 9.55 -14.89
C THR C 278 6.80 11.01 -14.54
N ASN C 279 7.10 11.94 -15.44
CA ASN C 279 6.88 13.40 -15.27
C ASN C 279 6.05 13.85 -16.47
N ARG C 280 4.74 14.00 -16.27
CA ARG C 280 3.80 14.60 -17.27
C ARG C 280 4.49 15.87 -17.76
N GLU C 281 3.88 16.65 -18.65
CA GLU C 281 4.50 17.91 -19.17
C GLU C 281 5.60 17.56 -20.18
N LEU C 282 6.34 16.46 -19.94
CA LEU C 282 7.27 15.84 -20.93
C LEU C 282 6.47 15.02 -21.95
N PHE C 283 5.31 14.49 -21.55
CA PHE C 283 4.35 13.71 -22.39
C PHE C 283 4.17 14.34 -23.77
N PRO C 284 3.84 15.65 -23.90
CA PRO C 284 3.74 16.28 -25.23
C PRO C 284 4.93 15.94 -26.15
N LYS C 285 6.14 15.92 -25.59
CA LYS C 285 7.43 15.75 -26.32
C LYS C 285 7.58 14.27 -26.70
N LEU C 286 6.99 13.35 -25.93
CA LEU C 286 7.06 11.89 -26.18
C LEU C 286 6.00 11.45 -27.21
N GLU C 287 5.06 12.35 -27.57
CA GLU C 287 3.94 12.12 -28.53
C GLU C 287 4.38 11.23 -29.70
N LEU C 288 5.12 11.77 -30.67
CA LEU C 288 5.46 11.02 -31.91
C LEU C 288 6.20 9.74 -31.52
N PHE C 289 7.02 9.78 -30.45
CA PHE C 289 7.88 8.65 -30.04
C PHE C 289 7.02 7.47 -29.57
N THR C 290 6.00 7.74 -28.74
CA THR C 290 5.06 6.72 -28.20
C THR C 290 4.37 6.00 -29.36
N ASN C 291 3.87 6.75 -30.35
CA ASN C 291 3.11 6.20 -31.52
C ASN C 291 4.05 5.28 -32.34
N ARG C 292 5.26 5.74 -32.64
CA ARG C 292 6.21 5.00 -33.50
C ARG C 292 6.65 3.71 -32.80
N PHE C 293 6.63 3.68 -31.46
CA PHE C 293 7.34 2.62 -30.69
C PHE C 293 6.40 1.81 -29.79
N LYS C 294 5.11 2.14 -29.66
CA LYS C 294 4.26 1.42 -28.68
C LYS C 294 4.22 -0.10 -29.01
N ASP C 295 4.23 -0.48 -30.28
CA ASP C 295 4.26 -1.92 -30.66
C ASP C 295 5.35 -2.62 -29.85
N ARG C 296 6.59 -2.15 -30.01
CA ARG C 296 7.79 -2.83 -29.47
C ARG C 296 7.74 -2.74 -27.95
N ILE C 297 7.39 -1.58 -27.39
CA ILE C 297 7.29 -1.37 -25.91
C ILE C 297 6.35 -2.41 -25.29
N VAL C 298 5.07 -2.46 -25.70
CA VAL C 298 4.01 -3.32 -25.07
C VAL C 298 4.43 -4.78 -25.15
N SER C 299 5.03 -5.22 -26.26
CA SER C 299 5.35 -6.65 -26.48
C SER C 299 6.43 -7.08 -25.50
N MET C 300 7.21 -6.15 -24.97
CA MET C 300 8.29 -6.45 -24.00
C MET C 300 7.69 -6.72 -22.61
N THR C 301 6.40 -6.43 -22.38
CA THR C 301 5.72 -6.70 -21.08
C THR C 301 5.62 -8.20 -20.87
N LEU C 302 5.83 -9.02 -21.91
CA LEU C 302 6.05 -10.50 -21.80
C LEU C 302 7.38 -10.84 -22.48
N ASP C 303 8.48 -10.33 -21.91
CA ASP C 303 9.80 -10.20 -22.60
C ASP C 303 10.44 -11.57 -22.72
N LYS C 304 10.64 -12.27 -21.60
CA LYS C 304 11.29 -13.60 -21.53
C LYS C 304 12.25 -13.61 -20.34
N GLU C 305 13.08 -12.57 -20.28
CA GLU C 305 13.82 -12.14 -19.08
C GLU C 305 12.82 -11.41 -18.18
N TYR C 306 12.63 -11.89 -16.94
CA TYR C 306 11.57 -11.44 -16.01
C TYR C 306 11.73 -9.93 -15.72
N ASP C 307 12.97 -9.46 -15.50
CA ASP C 307 13.25 -8.07 -15.05
C ASP C 307 12.95 -7.08 -16.17
N VAL C 308 13.13 -7.46 -17.43
CA VAL C 308 12.75 -6.54 -18.55
C VAL C 308 11.24 -6.35 -18.50
N ALA C 309 10.50 -7.45 -18.34
CA ALA C 309 9.03 -7.49 -18.44
C ALA C 309 8.47 -6.54 -17.38
N VAL C 310 8.97 -6.69 -16.16
CA VAL C 310 8.53 -5.87 -14.99
C VAL C 310 8.69 -4.38 -15.34
N GLU C 311 9.83 -4.02 -15.94
CA GLU C 311 10.15 -2.62 -16.31
C GLU C 311 9.26 -2.18 -17.48
N ALA C 312 9.04 -3.06 -18.45
CA ALA C 312 8.14 -2.75 -19.59
C ALA C 312 6.73 -2.50 -19.04
N ILE C 313 6.31 -3.29 -18.06
CA ILE C 313 4.94 -3.15 -17.46
C ILE C 313 4.90 -1.81 -16.72
N ARG C 314 5.93 -1.52 -15.90
CA ARG C 314 6.06 -0.20 -15.22
C ARG C 314 6.02 0.91 -16.27
N LEU C 315 6.74 0.76 -17.38
CA LEU C 315 6.81 1.79 -18.47
C LEU C 315 5.40 1.98 -19.06
N VAL C 316 4.73 0.90 -19.45
CA VAL C 316 3.40 0.97 -20.12
C VAL C 316 2.37 1.58 -19.16
N THR C 317 2.30 1.15 -17.90
CA THR C 317 1.37 1.80 -16.93
C THR C 317 1.71 3.30 -16.86
N LEU C 318 2.99 3.69 -16.74
CA LEU C 318 3.42 5.12 -16.73
C LEU C 318 2.88 5.82 -17.97
N ILE C 319 3.04 5.22 -19.14
CA ILE C 319 2.52 5.82 -20.40
C ILE C 319 1.01 5.94 -20.27
N LEU C 320 0.32 4.85 -19.89
CA LEU C 320 -1.17 4.79 -19.76
C LEU C 320 -1.67 6.01 -18.98
N HIS C 321 -1.06 6.31 -17.82
CA HIS C 321 -1.44 7.45 -16.93
C HIS C 321 -1.17 8.78 -17.66
N GLY C 322 -2.00 9.07 -18.66
CA GLY C 322 -1.91 10.27 -19.52
C GLY C 322 -3.29 10.74 -19.93
N THR D 5 50.72 10.39 -9.83
CA THR D 5 50.00 10.53 -11.11
C THR D 5 48.50 10.72 -10.85
N LEU D 6 47.83 11.40 -11.78
CA LEU D 6 46.36 11.38 -11.92
C LEU D 6 45.90 9.94 -11.78
N PHE D 7 46.50 8.99 -12.46
CA PHE D 7 46.01 7.57 -12.46
C PHE D 7 45.87 7.03 -11.02
N GLU D 8 46.90 7.23 -10.19
CA GLU D 8 46.99 6.53 -8.87
C GLU D 8 46.05 7.23 -7.87
N VAL D 9 45.84 8.54 -8.01
CA VAL D 9 44.90 9.30 -7.13
C VAL D 9 43.48 8.79 -7.42
N VAL D 10 43.14 8.61 -8.69
CA VAL D 10 41.78 8.22 -9.12
C VAL D 10 41.52 6.77 -8.72
N LYS D 11 42.40 5.83 -9.06
CA LYS D 11 42.30 4.42 -8.60
C LYS D 11 42.00 4.38 -7.09
N LEU D 12 42.77 5.09 -6.28
CA LEU D 12 42.69 5.05 -4.80
C LEU D 12 41.48 5.83 -4.26
N GLY D 13 40.99 6.84 -5.00
CA GLY D 13 39.86 7.72 -4.63
C GLY D 13 39.76 8.03 -3.14
N LYS D 14 40.85 8.40 -2.46
CA LYS D 14 40.78 8.77 -1.02
C LYS D 14 39.81 9.93 -0.84
N SER D 15 39.03 9.88 0.24
CA SER D 15 38.00 10.89 0.60
C SER D 15 38.70 12.08 1.25
N ALA D 16 37.98 13.18 1.36
CA ALA D 16 38.42 14.43 2.01
C ALA D 16 38.87 14.11 3.42
N MET D 17 38.07 13.36 4.15
CA MET D 17 38.38 13.06 5.58
C MET D 17 39.47 11.99 5.69
N GLN D 18 39.54 10.98 4.81
CA GLN D 18 40.68 10.04 4.91
C GLN D 18 42.00 10.78 4.62
N SER D 19 41.96 11.75 3.73
CA SER D 19 43.16 12.47 3.27
C SER D 19 43.73 13.26 4.45
N VAL D 20 42.89 14.01 5.17
CA VAL D 20 43.41 14.83 6.32
C VAL D 20 43.85 13.86 7.42
N VAL D 21 43.13 12.75 7.65
CA VAL D 21 43.52 11.78 8.71
C VAL D 21 44.89 11.15 8.38
N ASP D 22 45.17 10.76 7.13
CA ASP D 22 46.51 10.19 6.82
C ASP D 22 47.60 11.25 7.05
N ASP D 23 47.34 12.50 6.70
CA ASP D 23 48.34 13.59 6.90
C ASP D 23 48.53 13.79 8.40
N TRP D 24 47.46 13.69 9.20
CA TRP D 24 47.56 13.89 10.66
C TRP D 24 48.41 12.77 11.30
N ILE D 25 48.32 11.56 10.77
CA ILE D 25 48.98 10.37 11.38
C ILE D 25 50.47 10.45 11.06
N GLU D 26 50.82 10.84 9.84
CA GLU D 26 52.26 11.12 9.50
C GLU D 26 52.74 12.21 10.46
N SER D 27 51.97 13.29 10.61
CA SER D 27 52.34 14.39 11.54
C SER D 27 52.57 13.79 12.94
N TYR D 28 51.69 12.90 13.42
CA TYR D 28 51.78 12.27 14.76
C TYR D 28 53.11 11.50 14.90
N LYS D 29 53.51 10.80 13.84
CA LYS D 29 54.74 9.95 13.79
C LYS D 29 56.01 10.82 13.76
N GLN D 30 55.93 12.02 13.19
CA GLN D 30 57.02 13.04 13.14
C GLN D 30 57.13 13.69 14.52
N ASP D 31 56.03 14.02 15.18
CA ASP D 31 56.02 14.75 16.49
C ASP D 31 54.63 14.61 17.15
N ARG D 32 54.51 13.65 18.08
CA ARG D 32 53.30 13.36 18.90
C ARG D 32 52.77 14.64 19.53
N ASP D 33 53.64 15.50 20.04
CA ASP D 33 53.23 16.73 20.78
C ASP D 33 52.58 17.74 19.83
N ILE D 34 53.22 18.14 18.71
CA ILE D 34 52.63 19.22 17.86
C ILE D 34 51.36 18.63 17.23
N ALA D 35 51.36 17.33 16.91
CA ALA D 35 50.21 16.66 16.25
C ALA D 35 49.01 16.70 17.20
N LEU D 36 49.18 16.24 18.44
CA LEU D 36 48.15 16.33 19.49
C LEU D 36 47.72 17.79 19.69
N LEU D 37 48.65 18.73 19.64
CA LEU D 37 48.29 20.16 19.80
C LEU D 37 47.41 20.57 18.61
N ASP D 38 47.68 20.06 17.41
CA ASP D 38 46.82 20.35 16.22
C ASP D 38 45.41 19.82 16.51
N LEU D 39 45.31 18.62 17.11
CA LEU D 39 44.03 17.95 17.42
C LEU D 39 43.30 18.75 18.49
N ILE D 40 44.00 19.21 19.53
CA ILE D 40 43.38 20.04 20.60
C ILE D 40 42.85 21.33 19.96
N ASN D 41 43.68 22.02 19.17
CA ASN D 41 43.27 23.27 18.48
C ASN D 41 42.12 23.00 17.50
N PHE D 42 42.01 21.79 16.98
CA PHE D 42 40.90 21.48 16.05
C PHE D 42 39.55 21.61 16.79
N PHE D 43 39.41 20.99 17.96
CA PHE D 43 38.16 20.96 18.74
C PHE D 43 37.84 22.36 19.27
N ILE D 44 38.87 23.11 19.67
CA ILE D 44 38.72 24.53 20.10
C ILE D 44 38.16 25.29 18.90
N GLN D 45 38.81 25.22 17.74
CA GLN D 45 38.43 26.09 16.60
C GLN D 45 37.05 25.68 16.10
N CYS D 46 36.77 24.38 16.04
CA CYS D 46 35.47 23.80 15.62
C CYS D 46 34.31 24.43 16.41
N SER D 47 34.54 24.91 17.63
CA SER D 47 33.59 25.62 18.51
C SER D 47 33.46 27.13 18.18
N GLY D 48 34.11 27.62 17.12
CA GLY D 48 34.20 29.07 16.82
C GLY D 48 35.02 29.87 17.85
N CYS D 49 35.82 29.23 18.68
CA CYS D 49 36.77 29.94 19.59
C CYS D 49 37.92 30.47 18.73
N ARG D 50 38.17 31.78 18.77
CA ARG D 50 39.23 32.48 17.98
C ARG D 50 40.58 32.23 18.65
N GLY D 51 40.56 31.76 19.90
CA GLY D 51 41.75 31.39 20.70
C GLY D 51 42.48 30.18 20.13
N THR D 52 43.76 30.04 20.45
CA THR D 52 44.66 29.06 19.82
C THR D 52 45.75 28.71 20.84
N VAL D 53 45.88 27.42 21.20
CA VAL D 53 46.78 26.88 22.25
C VAL D 53 48.17 26.70 21.65
N ARG D 54 49.19 27.30 22.29
CA ARG D 54 50.62 27.26 21.88
C ARG D 54 51.28 26.01 22.46
N ILE D 55 52.39 25.57 21.86
CA ILE D 55 53.09 24.31 22.27
C ILE D 55 53.55 24.42 23.72
N GLU D 56 53.96 25.60 24.18
CA GLU D 56 54.53 25.75 25.56
C GLU D 56 53.39 25.90 26.58
N MET D 57 52.21 26.37 26.18
CA MET D 57 50.94 26.19 26.95
C MET D 57 50.73 24.68 27.16
N PHE D 58 50.86 23.89 26.09
CA PHE D 58 50.57 22.43 26.11
C PHE D 58 51.53 21.73 27.08
N ARG D 59 52.84 22.05 27.01
CA ARG D 59 53.86 21.46 27.91
C ARG D 59 53.63 21.84 29.39
N ASN D 60 53.16 23.06 29.69
CA ASN D 60 53.24 23.60 31.08
C ASN D 60 51.89 23.56 31.82
N MET D 61 50.74 23.62 31.15
CA MET D 61 49.42 23.95 31.79
C MET D 61 48.51 22.73 31.83
N GLN D 62 47.64 22.65 32.83
CA GLN D 62 46.55 21.63 32.96
C GLN D 62 45.43 21.96 31.97
N ASN D 63 44.75 20.94 31.46
CA ASN D 63 43.57 21.06 30.56
C ASN D 63 42.59 22.12 31.09
N ALA D 64 42.33 22.12 32.40
CA ALA D 64 41.38 23.06 33.03
C ALA D 64 41.76 24.52 32.72
N GLU D 65 43.03 24.84 32.88
CA GLU D 65 43.56 26.21 32.64
C GLU D 65 43.56 26.48 31.12
N ILE D 66 44.06 25.54 30.32
CA ILE D 66 43.99 25.68 28.84
C ILE D 66 42.56 26.12 28.55
N ILE D 67 41.57 25.36 29.02
CA ILE D 67 40.13 25.61 28.72
C ILE D 67 39.75 26.99 29.25
N ARG D 68 40.13 27.32 30.49
CA ARG D 68 39.81 28.64 31.10
C ARG D 68 40.39 29.75 30.19
N LYS D 69 41.63 29.58 29.74
CA LYS D 69 42.32 30.52 28.82
C LYS D 69 41.43 30.69 27.59
N MET D 70 41.22 29.60 26.85
CA MET D 70 40.45 29.63 25.57
C MET D 70 39.02 30.13 25.81
N THR D 71 38.44 29.90 27.00
CA THR D 71 37.09 30.44 27.38
C THR D 71 37.01 31.95 27.11
N GLU D 72 38.08 32.73 27.29
CA GLU D 72 38.14 34.13 26.80
C GLU D 72 38.09 34.02 25.27
N GLU D 73 38.81 34.82 24.50
CA GLU D 73 39.11 34.51 23.07
C GLU D 73 37.87 34.20 22.20
N PHE D 74 36.66 34.20 22.76
CA PHE D 74 35.40 34.08 21.95
C PHE D 74 35.08 35.46 21.38
N ASP D 75 35.02 36.48 22.25
CA ASP D 75 34.72 37.92 21.95
C ASP D 75 33.19 38.08 21.76
N GLU D 76 32.59 37.26 20.89
CA GLU D 76 31.12 37.00 20.86
C GLU D 76 30.34 38.32 20.69
N ASP D 77 30.67 39.11 19.64
CA ASP D 77 29.71 40.03 18.98
C ASP D 77 28.51 39.19 18.55
N SER D 78 28.81 37.99 18.05
CA SER D 78 27.86 36.90 17.69
C SER D 78 27.90 35.80 18.76
N GLY D 79 26.80 35.04 18.89
CA GLY D 79 26.76 33.75 19.63
C GLY D 79 26.55 32.57 18.69
N ASP D 80 26.97 32.69 17.43
CA ASP D 80 26.94 31.61 16.41
C ASP D 80 28.24 30.80 16.52
N TYR D 81 28.16 29.47 16.48
CA TYR D 81 29.32 28.56 16.32
C TYR D 81 29.05 27.69 15.11
N PRO D 82 30.09 27.13 14.48
CA PRO D 82 29.93 26.35 13.26
C PRO D 82 28.81 25.29 13.27
N LEU D 83 28.55 24.65 14.41
CA LEU D 83 27.56 23.53 14.49
C LEU D 83 26.13 24.07 14.51
N THR D 84 25.93 25.38 14.66
CA THR D 84 24.59 26.04 14.64
C THR D 84 24.46 27.07 13.52
N MET D 85 25.51 27.39 12.78
CA MET D 85 25.38 28.35 11.65
C MET D 85 24.60 27.66 10.53
N PRO D 86 23.80 28.38 9.72
CA PRO D 86 22.87 27.72 8.80
C PRO D 86 23.37 27.60 7.36
N GLY D 87 22.59 26.92 6.51
CA GLY D 87 22.88 26.79 5.07
C GLY D 87 23.84 25.63 4.81
N PRO D 88 24.12 25.31 3.52
CA PRO D 88 24.60 23.98 3.14
C PRO D 88 26.10 23.72 3.39
N GLN D 89 26.96 24.73 3.35
CA GLN D 89 28.43 24.54 3.52
C GLN D 89 28.70 24.12 4.98
N TRP D 90 27.92 24.63 5.93
CA TRP D 90 28.03 24.29 7.38
C TRP D 90 27.33 22.95 7.70
N LYS D 91 26.39 22.47 6.89
CA LYS D 91 25.78 21.12 7.08
C LYS D 91 26.85 20.09 6.67
N LYS D 92 27.58 20.41 5.60
CA LYS D 92 28.71 19.58 5.11
C LYS D 92 29.81 19.69 6.18
N PHE D 93 29.96 20.84 6.84
CA PHE D 93 30.92 20.94 7.97
C PHE D 93 30.62 19.88 9.04
N ARG D 94 29.40 19.90 9.61
CA ARG D 94 28.92 18.95 10.65
C ARG D 94 29.23 17.53 10.14
N SER D 95 28.97 17.29 8.88
CA SER D 95 29.16 15.93 8.31
C SER D 95 30.65 15.59 8.27
N ASN D 96 31.48 16.55 7.89
CA ASN D 96 32.94 16.33 7.85
C ASN D 96 33.51 16.20 9.27
N PHE D 97 32.99 16.95 10.23
CA PHE D 97 33.42 16.88 11.66
C PHE D 97 33.21 15.46 12.19
N CYS D 98 32.04 14.89 11.91
CA CYS D 98 31.63 13.54 12.38
C CYS D 98 32.45 12.48 11.66
N GLU D 99 32.62 12.62 10.34
CA GLU D 99 33.36 11.62 9.55
C GLU D 99 34.84 11.67 9.96
N PHE D 100 35.38 12.86 10.17
CA PHE D 100 36.79 13.01 10.58
C PHE D 100 37.01 12.13 11.81
N ILE D 101 36.14 12.23 12.82
CA ILE D 101 36.35 11.50 14.12
C ILE D 101 36.31 9.99 13.85
N GLY D 102 35.33 9.52 13.09
CA GLY D 102 35.24 8.09 12.76
C GLY D 102 36.49 7.62 12.04
N VAL D 103 36.88 8.28 10.95
CA VAL D 103 38.06 7.85 10.13
C VAL D 103 39.33 7.92 10.99
N LEU D 104 39.49 8.95 11.80
CA LEU D 104 40.70 9.11 12.66
C LEU D 104 40.87 7.87 13.50
N ILE D 105 39.81 7.42 14.16
CA ILE D 105 39.90 6.29 15.13
C ILE D 105 40.05 4.97 14.38
N ARG D 106 39.31 4.77 13.30
CA ARG D 106 39.45 3.57 12.43
C ARG D 106 40.94 3.40 12.10
N GLN D 107 41.59 4.41 11.51
CA GLN D 107 43.02 4.35 11.07
C GLN D 107 44.00 4.22 12.24
N CYS D 108 43.65 4.67 13.44
CA CYS D 108 44.58 4.64 14.60
C CYS D 108 44.35 3.35 15.41
N GLN D 109 43.42 2.49 15.01
CA GLN D 109 42.83 1.46 15.92
C GLN D 109 43.79 0.30 16.26
N TYR D 110 44.88 0.07 15.52
CA TYR D 110 45.79 -1.08 15.80
C TYR D 110 47.08 -0.59 16.48
N SER D 111 47.20 0.72 16.79
CA SER D 111 48.48 1.39 17.11
C SER D 111 48.25 2.52 18.12
N ILE D 112 48.13 3.73 17.58
CA ILE D 112 48.14 5.04 18.28
C ILE D 112 47.08 5.02 19.37
N ILE D 113 45.90 4.47 19.08
CA ILE D 113 44.75 4.43 20.03
C ILE D 113 45.22 3.82 21.36
N TYR D 114 46.19 2.88 21.32
CA TYR D 114 46.70 2.06 22.45
C TYR D 114 47.97 2.62 23.08
N ASP D 115 48.61 3.65 22.53
CA ASP D 115 49.57 4.43 23.35
C ASP D 115 48.69 5.00 24.44
N GLU D 116 49.26 5.65 25.44
CA GLU D 116 48.45 6.16 26.58
C GLU D 116 48.72 7.66 26.61
N TYR D 117 48.67 8.28 25.43
CA TYR D 117 48.93 9.71 25.19
C TYR D 117 47.73 10.28 24.40
N MET D 118 47.51 9.80 23.18
CA MET D 118 46.53 10.40 22.23
C MET D 118 45.10 10.37 22.81
N MET D 119 44.56 9.21 23.17
CA MET D 119 43.14 9.06 23.58
C MET D 119 42.91 9.73 24.94
N ASP D 120 43.88 9.70 25.83
CA ASP D 120 43.74 10.29 27.18
C ASP D 120 43.75 11.82 27.05
N THR D 121 44.39 12.36 26.01
CA THR D 121 44.42 13.82 25.76
C THR D 121 43.06 14.26 25.21
N VAL D 122 42.60 13.61 24.14
CA VAL D 122 41.29 13.89 23.48
C VAL D 122 40.15 13.73 24.50
N ILE D 123 40.11 12.61 25.23
CA ILE D 123 38.98 12.32 26.15
C ILE D 123 39.01 13.32 27.30
N SER D 124 40.18 13.65 27.81
CA SER D 124 40.36 14.66 28.87
C SER D 124 39.89 16.02 28.34
N LEU D 125 40.29 16.40 27.14
CA LEU D 125 39.94 17.73 26.59
C LEU D 125 38.44 17.74 26.35
N LEU D 126 37.90 16.71 25.66
CA LEU D 126 36.45 16.72 25.33
C LEU D 126 35.65 16.75 26.64
N THR D 127 36.12 16.09 27.69
CA THR D 127 35.40 16.05 28.99
C THR D 127 35.38 17.46 29.58
N GLY D 128 36.54 18.09 29.72
CA GLY D 128 36.67 19.48 30.20
C GLY D 128 35.80 20.45 29.42
N LEU D 129 35.89 20.45 28.09
CA LEU D 129 35.00 21.25 27.22
C LEU D 129 33.53 20.92 27.50
N SER D 130 33.17 19.64 27.66
CA SER D 130 31.75 19.20 27.84
C SER D 130 31.13 19.83 29.10
N ASP D 131 31.94 20.23 30.10
CA ASP D 131 31.44 20.82 31.38
C ASP D 131 31.35 22.35 31.29
N SER D 132 31.88 22.97 30.23
CA SER D 132 32.00 24.44 30.07
C SER D 132 30.63 25.14 30.19
N GLN D 133 30.66 26.39 30.65
CA GLN D 133 29.48 27.32 30.66
C GLN D 133 29.17 27.76 29.23
N VAL D 134 30.13 27.62 28.32
CA VAL D 134 30.01 28.09 26.93
C VAL D 134 29.27 27.05 26.07
N ARG D 135 28.06 27.39 25.67
CA ARG D 135 27.22 26.55 24.78
C ARG D 135 28.13 25.94 23.70
N ALA D 136 28.87 26.78 22.96
CA ALA D 136 29.61 26.37 21.75
C ALA D 136 30.57 25.22 22.10
N PHE D 137 31.22 25.30 23.26
CA PHE D 137 32.18 24.28 23.73
C PHE D 137 31.40 23.02 24.08
N ARG D 138 30.25 23.18 24.74
CA ARG D 138 29.46 22.04 25.28
C ARG D 138 28.91 21.24 24.08
N HIS D 139 28.33 21.94 23.12
CA HIS D 139 27.68 21.34 21.92
C HIS D 139 28.76 20.65 21.07
N THR D 140 29.92 21.28 20.85
CA THR D 140 30.97 20.75 19.94
C THR D 140 31.63 19.51 20.58
N SER D 141 31.98 19.59 21.85
CA SER D 141 32.69 18.53 22.58
C SER D 141 31.75 17.34 22.70
N THR D 142 30.46 17.59 22.93
CA THR D 142 29.51 16.51 23.21
C THR D 142 29.30 15.76 21.91
N LEU D 143 29.12 16.47 20.78
CA LEU D 143 28.99 15.77 19.47
C LEU D 143 30.25 14.94 19.23
N ALA D 144 31.43 15.51 19.50
CA ALA D 144 32.71 14.85 19.23
C ALA D 144 32.77 13.58 20.08
N ALA D 145 32.47 13.70 21.37
CA ALA D 145 32.54 12.60 22.35
C ALA D 145 31.56 11.48 21.95
N MET D 146 30.39 11.84 21.46
CA MET D 146 29.42 10.84 21.02
C MET D 146 29.97 10.12 19.79
N LYS D 147 30.59 10.82 18.84
CA LYS D 147 31.04 10.18 17.57
C LYS D 147 32.26 9.30 17.86
N LEU D 148 33.06 9.75 18.82
CA LEU D 148 34.26 9.05 19.31
C LEU D 148 33.77 7.74 19.93
N MET D 149 32.80 7.86 20.86
CA MET D 149 32.18 6.70 21.54
C MET D 149 31.82 5.70 20.45
N THR D 150 31.06 6.12 19.45
CA THR D 150 30.61 5.21 18.37
C THR D 150 31.85 4.57 17.73
N ALA D 151 32.95 5.32 17.51
CA ALA D 151 34.15 4.73 16.86
C ALA D 151 34.78 3.68 17.78
N LEU D 152 34.84 3.93 19.08
CA LEU D 152 35.42 2.98 20.04
C LEU D 152 34.57 1.70 20.04
N VAL D 153 33.25 1.84 19.94
CA VAL D 153 32.34 0.67 19.82
C VAL D 153 32.79 -0.13 18.60
N ASN D 154 32.93 0.48 17.43
CA ASN D 154 33.37 -0.26 16.21
C ASN D 154 34.71 -0.95 16.48
N VAL D 155 35.60 -0.35 17.26
CA VAL D 155 36.93 -0.95 17.54
C VAL D 155 36.71 -2.19 18.43
N ALA D 156 35.92 -2.08 19.51
CA ALA D 156 35.50 -3.20 20.37
C ALA D 156 34.94 -4.32 19.47
N LEU D 157 34.02 -3.99 18.58
CA LEU D 157 33.36 -4.97 17.69
C LEU D 157 34.43 -5.73 16.90
N ASN D 158 35.36 -5.01 16.25
CA ASN D 158 36.49 -5.58 15.47
C ASN D 158 37.38 -6.47 16.34
N LEU D 159 37.64 -6.06 17.58
CA LEU D 159 38.44 -6.84 18.57
C LEU D 159 37.72 -8.16 18.89
N SER D 160 36.46 -8.07 19.29
CA SER D 160 35.57 -9.21 19.64
C SER D 160 35.55 -10.25 18.51
N ILE D 161 35.69 -9.84 17.23
CA ILE D 161 35.88 -10.78 16.08
C ILE D 161 37.28 -11.40 16.17
N HIS D 162 38.31 -10.60 16.38
CA HIS D 162 39.73 -11.04 16.44
C HIS D 162 39.96 -11.92 17.66
N GLN D 163 39.14 -11.81 18.70
CA GLN D 163 39.24 -12.67 19.92
C GLN D 163 38.66 -14.04 19.56
N ASP D 164 37.54 -14.07 18.83
CA ASP D 164 36.86 -15.28 18.32
C ASP D 164 37.63 -15.89 17.14
N ASN D 165 38.83 -15.38 16.81
CA ASN D 165 39.68 -15.95 15.74
C ASN D 165 41.02 -16.42 16.32
N THR D 166 41.45 -15.82 17.42
CA THR D 166 42.60 -16.31 18.22
C THR D 166 42.07 -17.42 19.14
N GLN D 167 40.75 -17.52 19.31
CA GLN D 167 40.13 -18.64 20.07
C GLN D 167 40.19 -19.90 19.20
N ARG D 168 39.52 -19.89 18.03
CA ARG D 168 39.52 -21.02 17.05
C ARG D 168 40.95 -21.58 16.93
N GLN D 169 41.92 -20.71 16.69
CA GLN D 169 43.28 -21.09 16.26
C GLN D 169 44.10 -21.61 17.45
N TYR D 170 43.70 -21.28 18.68
CA TYR D 170 44.33 -21.80 19.92
C TYR D 170 43.81 -23.21 20.24
N GLU D 171 42.50 -23.43 20.13
CA GLU D 171 41.80 -24.69 20.47
C GLU D 171 42.17 -25.82 19.50
N ALA D 172 42.26 -25.53 18.19
CA ALA D 172 42.71 -26.48 17.15
C ALA D 172 44.17 -26.87 17.42
N GLU D 173 45.00 -25.91 17.84
CA GLU D 173 46.46 -26.10 18.08
C GLU D 173 46.73 -26.63 19.49
N ARG D 174 45.72 -26.60 20.38
CA ARG D 174 45.82 -27.15 21.75
C ARG D 174 45.81 -28.69 21.71
N ASN D 175 45.38 -29.30 20.59
CA ASN D 175 45.40 -30.78 20.36
C ASN D 175 46.84 -31.33 20.33
N LYS D 176 47.84 -30.51 19.99
CA LYS D 176 49.28 -30.86 20.09
C LYS D 176 49.96 -30.00 21.18
N GLU D 184 54.54 -25.03 20.02
CA GLU D 184 55.52 -24.08 19.43
C GLU D 184 54.83 -22.74 19.16
N ARG D 185 53.76 -22.78 18.36
CA ARG D 185 52.89 -21.63 18.02
C ARG D 185 51.87 -21.38 19.15
N LEU D 186 51.64 -22.38 20.00
CA LEU D 186 50.69 -22.31 21.15
C LEU D 186 51.24 -21.35 22.23
N GLU D 187 52.55 -21.11 22.25
CA GLU D 187 53.22 -20.11 23.15
C GLU D 187 52.80 -18.71 22.70
N LEU D 188 52.70 -18.51 21.38
CA LEU D 188 52.32 -17.24 20.69
C LEU D 188 50.80 -17.01 20.78
N LEU D 189 49.96 -17.98 20.39
CA LEU D 189 48.47 -17.84 20.35
C LEU D 189 47.95 -17.46 21.75
N LEU D 190 48.57 -17.96 22.81
CA LEU D 190 48.18 -17.64 24.22
C LEU D 190 48.51 -16.16 24.48
N GLN D 191 49.68 -15.69 24.02
CA GLN D 191 50.15 -14.29 24.23
C GLN D 191 49.29 -13.30 23.41
N LYS D 192 48.75 -13.71 22.25
CA LYS D 192 47.87 -12.84 21.43
C LYS D 192 46.55 -12.67 22.17
N ARG D 193 45.89 -13.78 22.49
CA ARG D 193 44.60 -13.80 23.23
C ARG D 193 44.71 -12.94 24.51
N LYS D 194 45.91 -12.78 25.06
CA LYS D 194 46.16 -11.94 26.25
C LYS D 194 46.16 -10.47 25.82
N GLU D 195 46.96 -10.14 24.80
CA GLU D 195 47.05 -8.76 24.22
C GLU D 195 45.66 -8.25 23.84
N LEU D 196 44.93 -9.00 23.02
CA LEU D 196 43.53 -8.67 22.62
C LEU D 196 42.70 -8.35 23.86
N GLN D 197 42.88 -9.10 24.95
CA GLN D 197 42.11 -8.90 26.20
C GLN D 197 42.56 -7.57 26.82
N GLU D 198 43.86 -7.26 26.78
CA GLU D 198 44.39 -5.96 27.28
C GLU D 198 43.73 -4.82 26.48
N ASN D 199 43.86 -4.86 25.16
CA ASN D 199 43.22 -3.93 24.21
C ASN D 199 41.77 -3.71 24.66
N GLN D 200 40.94 -4.76 24.57
CA GLN D 200 39.50 -4.76 24.96
C GLN D 200 39.32 -4.08 26.31
N ASP D 201 40.23 -4.24 27.27
CA ASP D 201 40.10 -3.60 28.61
C ASP D 201 40.30 -2.09 28.45
N GLU D 202 41.29 -1.65 27.65
CA GLU D 202 41.62 -0.23 27.47
C GLU D 202 40.45 0.46 26.77
N ILE D 203 39.92 -0.17 25.70
CA ILE D 203 38.79 0.36 24.89
C ILE D 203 37.59 0.54 25.83
N GLU D 204 37.27 -0.48 26.64
CA GLU D 204 36.15 -0.44 27.62
C GLU D 204 36.42 0.71 28.60
N ASN D 205 37.68 0.88 29.00
CA ASN D 205 38.06 1.97 29.93
C ASN D 205 37.70 3.33 29.30
N MET D 206 38.06 3.54 28.02
CA MET D 206 37.88 4.85 27.35
C MET D 206 36.37 5.13 27.21
N MET D 207 35.62 4.17 26.69
CA MET D 207 34.14 4.23 26.60
C MET D 207 33.58 4.60 27.97
N ASN D 208 34.08 3.97 29.01
CA ASN D 208 33.55 4.21 30.37
C ASN D 208 33.65 5.70 30.66
N SER D 209 34.81 6.31 30.39
CA SER D 209 35.07 7.71 30.82
C SER D 209 34.30 8.66 29.92
N ILE D 210 34.07 8.33 28.64
CA ILE D 210 33.14 9.14 27.79
C ILE D 210 31.72 9.05 28.39
N PHE D 211 31.28 7.86 28.74
CA PHE D 211 29.87 7.63 29.14
C PHE D 211 29.60 8.34 30.47
N LYS D 212 30.46 8.16 31.46
CA LYS D 212 30.21 8.70 32.84
C LYS D 212 30.68 10.13 32.93
N GLY D 213 31.69 10.51 32.14
CA GLY D 213 32.26 11.87 32.16
C GLY D 213 31.43 12.85 31.36
N ILE D 214 30.79 12.37 30.29
CA ILE D 214 30.05 13.23 29.33
C ILE D 214 28.59 12.79 29.19
N PHE D 215 28.34 11.56 28.76
CA PHE D 215 26.94 11.20 28.38
C PHE D 215 25.98 11.46 29.56
N VAL D 216 26.29 10.93 30.75
CA VAL D 216 25.36 10.95 31.91
C VAL D 216 25.09 12.39 32.35
N HIS D 217 25.95 13.36 32.00
CA HIS D 217 25.70 14.81 32.25
C HIS D 217 24.97 15.46 31.07
N ARG D 218 25.43 15.20 29.86
CA ARG D 218 25.00 15.95 28.66
C ARG D 218 23.61 15.51 28.21
N TYR D 219 23.21 14.26 28.44
CA TYR D 219 21.88 13.78 27.97
C TYR D 219 20.78 14.62 28.65
N ARG D 220 21.09 15.28 29.77
CA ARG D 220 20.13 16.15 30.53
C ARG D 220 20.45 17.63 30.30
N ASP D 221 21.34 17.93 29.38
CA ASP D 221 21.82 19.32 29.12
C ASP D 221 20.64 20.27 29.07
N ALA D 222 20.87 21.54 29.41
CA ALA D 222 19.86 22.60 29.25
C ALA D 222 19.47 22.67 27.78
N ILE D 223 20.41 22.49 26.86
CA ILE D 223 20.15 22.71 25.40
C ILE D 223 19.57 21.43 24.80
N ALA D 224 18.42 21.57 24.13
CA ALA D 224 17.68 20.49 23.46
C ALA D 224 18.58 19.78 22.45
N GLU D 225 19.30 20.54 21.61
CA GLU D 225 20.12 19.97 20.52
C GLU D 225 21.13 18.99 21.12
N ILE D 226 21.67 19.29 22.29
CA ILE D 226 22.71 18.44 22.94
C ILE D 226 22.05 17.16 23.47
N ARG D 227 20.89 17.27 24.12
CA ARG D 227 20.10 16.12 24.61
C ARG D 227 19.84 15.22 23.40
N ALA D 228 19.45 15.82 22.29
CA ALA D 228 19.07 15.08 21.06
C ALA D 228 20.27 14.25 20.58
N ILE D 229 21.44 14.87 20.57
CA ILE D 229 22.72 14.27 20.13
C ILE D 229 22.98 13.03 20.97
N CYS D 230 22.85 13.14 22.30
CA CYS D 230 23.11 12.03 23.25
C CYS D 230 22.13 10.87 22.99
N ILE D 231 20.84 11.16 22.91
CA ILE D 231 19.81 10.09 22.76
C ILE D 231 20.06 9.40 21.43
N GLU D 232 20.45 10.15 20.41
CA GLU D 232 20.57 9.54 19.06
C GLU D 232 21.71 8.53 19.09
N GLU D 233 22.81 8.90 19.73
CA GLU D 233 24.03 8.09 19.61
C GLU D 233 23.88 6.87 20.50
N ILE D 234 23.23 7.00 21.68
CA ILE D 234 23.06 5.81 22.59
C ILE D 234 22.17 4.81 21.86
N GLY D 235 21.28 5.28 21.00
CA GLY D 235 20.51 4.42 20.08
C GLY D 235 21.48 3.64 19.21
N VAL D 236 22.42 4.35 18.62
CA VAL D 236 23.39 3.77 17.68
C VAL D 236 24.17 2.65 18.39
N TRP D 237 24.64 2.86 19.61
CA TRP D 237 25.45 1.85 20.33
C TRP D 237 24.57 0.63 20.61
N MET D 238 23.36 0.84 21.13
CA MET D 238 22.45 -0.28 21.53
C MET D 238 22.17 -1.15 20.30
N LYS D 239 21.98 -0.55 19.12
CA LYS D 239 21.73 -1.28 17.85
C LYS D 239 23.02 -1.97 17.41
N MET D 240 24.16 -1.26 17.37
CA MET D 240 25.38 -1.75 16.67
C MET D 240 26.09 -2.81 17.52
N TYR D 241 25.91 -2.81 18.84
CA TYR D 241 26.59 -3.75 19.75
C TYR D 241 25.65 -4.12 20.89
N SER D 242 24.52 -4.77 20.53
CA SER D 242 23.38 -5.11 21.42
C SER D 242 23.87 -5.96 22.59
N ASP D 243 24.86 -6.84 22.36
CA ASP D 243 25.31 -7.77 23.42
C ASP D 243 25.90 -6.96 24.59
N ALA D 244 26.57 -5.84 24.32
CA ALA D 244 27.19 -5.01 25.37
C ALA D 244 26.22 -3.89 25.83
N PHE D 245 25.36 -3.37 24.96
CA PHE D 245 24.69 -2.06 25.16
C PHE D 245 23.15 -2.17 25.22
N LEU D 246 22.52 -3.18 24.63
CA LEU D 246 21.06 -3.30 24.70
C LEU D 246 20.69 -4.01 26.01
N ASN D 247 20.61 -3.25 27.09
CA ASN D 247 20.14 -3.72 28.42
C ASN D 247 19.48 -2.55 29.14
N ASP D 248 19.00 -2.79 30.36
CA ASP D 248 18.11 -1.87 31.11
C ASP D 248 18.92 -0.70 31.68
N SER D 249 20.23 -0.84 31.84
CA SER D 249 21.12 0.25 32.33
C SER D 249 21.34 1.33 31.26
N TYR D 250 21.47 0.99 29.97
CA TYR D 250 21.45 1.96 28.84
C TYR D 250 20.02 2.36 28.46
N LEU D 251 19.09 1.41 28.33
CA LEU D 251 17.70 1.69 27.86
C LEU D 251 17.07 2.77 28.74
N LYS D 252 17.41 2.82 30.04
CA LYS D 252 16.69 3.73 30.99
C LYS D 252 16.82 5.18 30.53
N TYR D 253 18.01 5.57 30.04
CA TYR D 253 18.35 6.95 29.63
C TYR D 253 17.33 7.41 28.60
N VAL D 254 17.01 6.52 27.67
CA VAL D 254 16.02 6.77 26.58
C VAL D 254 14.62 6.77 27.18
N GLY D 255 14.35 5.78 28.03
CA GLY D 255 13.11 5.69 28.82
C GLY D 255 12.79 7.01 29.50
N TRP D 256 13.70 7.55 30.31
CA TRP D 256 13.44 8.78 31.10
C TRP D 256 13.31 9.98 30.18
N THR D 257 13.90 9.94 28.99
CA THR D 257 13.97 11.09 28.07
C THR D 257 12.69 11.20 27.23
N LEU D 258 11.90 10.12 27.16
CA LEU D 258 10.60 10.13 26.45
C LEU D 258 9.74 11.27 27.00
N HIS D 259 9.99 11.68 28.25
CA HIS D 259 9.16 12.62 29.06
C HIS D 259 9.62 14.05 28.82
N ASP D 260 10.39 14.27 27.76
CA ASP D 260 11.20 15.49 27.52
C ASP D 260 10.27 16.62 27.07
N ARG D 261 10.54 17.83 27.53
CA ARG D 261 9.81 19.09 27.18
C ARG D 261 9.76 19.23 25.65
N GLN D 262 10.73 18.68 24.90
CA GLN D 262 11.01 19.13 23.51
C GLN D 262 10.70 18.01 22.50
N GLY D 263 9.87 18.33 21.51
CA GLY D 263 9.56 17.48 20.36
C GLY D 263 10.79 16.82 19.79
N GLU D 264 11.84 17.60 19.45
CA GLU D 264 12.98 17.11 18.63
C GLU D 264 13.66 15.99 19.43
N VAL D 265 13.70 16.12 20.76
CA VAL D 265 14.29 15.09 21.66
C VAL D 265 13.36 13.87 21.69
N ARG D 266 12.06 14.11 21.90
CA ARG D 266 11.03 13.02 21.94
C ARG D 266 11.16 12.24 20.63
N LEU D 267 11.26 12.92 19.48
CA LEU D 267 11.47 12.21 18.18
C LEU D 267 12.66 11.28 18.30
N LYS D 268 13.75 11.78 18.89
CA LYS D 268 15.04 11.06 18.82
C LYS D 268 14.90 9.80 19.67
N CYS D 269 14.28 9.88 20.85
CA CYS D 269 13.91 8.68 21.66
C CYS D 269 13.09 7.67 20.84
N LEU D 270 12.06 8.10 20.13
CA LEU D 270 11.19 7.17 19.38
C LEU D 270 11.94 6.58 18.19
N LYS D 271 12.73 7.38 17.45
CA LYS D 271 13.52 6.86 16.30
C LYS D 271 14.55 5.82 16.77
N ALA D 272 15.21 6.07 17.89
CA ALA D 272 16.16 5.13 18.53
C ALA D 272 15.47 3.79 18.84
N LEU D 273 14.35 3.82 19.56
CA LEU D 273 13.60 2.60 19.94
C LEU D 273 13.04 1.91 18.69
N GLN D 274 12.54 2.66 17.69
CA GLN D 274 12.11 2.07 16.39
C GLN D 274 13.24 1.16 15.87
N SER D 275 14.50 1.58 15.91
CA SER D 275 15.57 0.82 15.23
C SER D 275 15.85 -0.48 15.99
N LEU D 276 15.55 -0.54 17.29
CA LEU D 276 15.77 -1.79 18.07
C LEU D 276 14.57 -2.71 17.87
N TYR D 277 13.36 -2.15 17.95
CA TYR D 277 12.11 -2.95 17.91
C TYR D 277 11.95 -3.58 16.51
N THR D 278 12.49 -3.01 15.41
CA THR D 278 12.39 -3.58 14.03
C THR D 278 13.07 -4.94 13.96
N ASN D 279 14.02 -5.22 14.85
CA ASN D 279 14.77 -6.48 14.85
C ASN D 279 14.15 -7.38 15.93
N ARG D 280 13.36 -8.37 15.51
CA ARG D 280 12.51 -9.21 16.40
C ARG D 280 13.41 -10.17 17.20
N GLU D 281 14.64 -10.41 16.77
CA GLU D 281 15.64 -11.14 17.61
C GLU D 281 15.93 -10.36 18.91
N LEU D 282 15.72 -9.03 18.96
CA LEU D 282 16.10 -8.19 20.13
C LEU D 282 14.96 -8.05 21.14
N PHE D 283 13.78 -8.63 20.85
CA PHE D 283 12.57 -8.50 21.69
C PHE D 283 12.74 -9.02 23.12
N PRO D 284 13.37 -10.19 23.34
CA PRO D 284 13.66 -10.63 24.70
C PRO D 284 14.28 -9.48 25.53
N LYS D 285 15.33 -8.84 24.98
CA LYS D 285 16.09 -7.78 25.68
C LYS D 285 15.26 -6.51 25.83
N LEU D 286 14.17 -6.32 25.07
CA LEU D 286 13.27 -5.13 25.22
C LEU D 286 12.10 -5.43 26.17
N GLU D 287 11.91 -6.69 26.56
CA GLU D 287 10.63 -7.14 27.19
C GLU D 287 10.32 -6.28 28.41
N LEU D 288 11.26 -6.17 29.37
CA LEU D 288 11.05 -5.41 30.63
C LEU D 288 10.88 -3.92 30.32
N PHE D 289 11.62 -3.41 29.32
CA PHE D 289 11.62 -1.97 28.98
C PHE D 289 10.20 -1.58 28.54
N THR D 290 9.61 -2.42 27.68
CA THR D 290 8.23 -2.24 27.13
C THR D 290 7.21 -2.04 28.26
N ASN D 291 7.14 -2.93 29.26
CA ASN D 291 6.19 -2.81 30.40
C ASN D 291 6.48 -1.52 31.16
N ARG D 292 7.74 -1.35 31.55
CA ARG D 292 8.22 -0.19 32.34
C ARG D 292 7.71 1.09 31.69
N PHE D 293 7.82 1.22 30.36
CA PHE D 293 7.62 2.51 29.65
C PHE D 293 6.40 2.48 28.72
N LYS D 294 5.70 1.34 28.62
CA LYS D 294 4.42 1.17 27.87
C LYS D 294 3.53 2.42 28.05
N ASP D 295 3.40 2.98 29.25
CA ASP D 295 2.43 4.09 29.50
C ASP D 295 2.90 5.39 28.80
N ARG D 296 4.17 5.78 28.92
CA ARG D 296 4.64 7.04 28.28
C ARG D 296 4.67 6.85 26.77
N ILE D 297 5.07 5.68 26.27
CA ILE D 297 5.19 5.41 24.79
C ILE D 297 3.84 5.65 24.14
N VAL D 298 2.81 5.04 24.72
CA VAL D 298 1.48 4.85 24.08
C VAL D 298 0.67 6.16 24.21
N SER D 299 0.87 6.94 25.29
CA SER D 299 0.34 8.33 25.39
C SER D 299 0.88 9.21 24.27
N MET D 300 2.12 8.97 23.81
CA MET D 300 2.76 9.81 22.77
C MET D 300 2.15 9.53 21.39
N THR D 301 1.22 8.59 21.26
CA THR D 301 0.46 8.38 20.00
C THR D 301 -0.51 9.57 19.81
N LEU D 302 -0.79 10.34 20.86
CA LEU D 302 -1.56 11.62 20.74
C LEU D 302 -0.71 12.75 21.33
N ASP D 303 0.51 12.92 20.82
CA ASP D 303 1.59 13.66 21.48
C ASP D 303 1.23 15.13 21.65
N LYS D 304 0.72 15.79 20.60
CA LYS D 304 0.47 17.26 20.62
C LYS D 304 1.27 17.89 19.48
N GLU D 305 2.51 17.43 19.32
CA GLU D 305 3.32 17.67 18.11
C GLU D 305 2.94 16.54 17.16
N TYR D 306 2.26 16.87 16.07
CA TYR D 306 2.09 15.91 14.96
C TYR D 306 3.48 15.38 14.66
N ASP D 307 3.61 14.09 14.36
CA ASP D 307 4.84 13.52 13.73
C ASP D 307 5.76 12.95 14.82
N VAL D 308 5.84 13.59 15.99
CA VAL D 308 6.18 12.85 17.23
C VAL D 308 5.13 11.74 17.36
N ALA D 309 3.86 12.13 17.21
CA ALA D 309 2.69 11.24 17.33
C ALA D 309 2.77 10.14 16.27
N VAL D 310 3.01 10.51 15.00
CA VAL D 310 3.20 9.53 13.89
C VAL D 310 4.26 8.49 14.29
N GLU D 311 5.42 8.92 14.81
CA GLU D 311 6.57 8.06 15.18
C GLU D 311 6.19 7.17 16.38
N ALA D 312 5.43 7.70 17.34
CA ALA D 312 4.90 6.90 18.47
C ALA D 312 3.98 5.80 17.92
N ILE D 313 3.18 6.11 16.91
CA ILE D 313 2.24 5.11 16.33
C ILE D 313 3.05 4.05 15.55
N ARG D 314 4.08 4.41 14.81
CA ARG D 314 4.92 3.40 14.10
C ARG D 314 5.60 2.51 15.14
N LEU D 315 6.04 3.12 16.25
CA LEU D 315 6.74 2.41 17.34
C LEU D 315 5.76 1.40 17.93
N VAL D 316 4.54 1.87 18.25
CA VAL D 316 3.54 0.99 18.91
C VAL D 316 3.20 -0.17 17.96
N THR D 317 3.02 0.11 16.68
CA THR D 317 2.83 -0.89 15.59
C THR D 317 3.93 -1.95 15.65
N LEU D 318 5.20 -1.52 15.69
CA LEU D 318 6.41 -2.39 15.69
C LEU D 318 6.38 -3.29 16.93
N ILE D 319 6.06 -2.71 18.09
CA ILE D 319 6.02 -3.44 19.38
C ILE D 319 4.99 -4.55 19.26
N LEU D 320 3.81 -4.21 18.77
CA LEU D 320 2.70 -5.18 18.59
C LEU D 320 3.24 -6.40 17.83
N HIS D 321 3.94 -6.16 16.71
CA HIS D 321 4.38 -7.17 15.71
C HIS D 321 5.38 -8.19 16.31
N GLY D 322 5.94 -7.97 17.50
CA GLY D 322 6.66 -9.00 18.28
C GLY D 322 5.94 -9.38 19.57
C4 O3M E . -34.52 15.24 22.99
C5 O3M E . -34.12 16.77 24.68
C6 O3M E . -35.49 16.40 25.24
C7 O3M E . -35.22 15.63 26.45
C8 O3M E . -35.81 15.87 27.58
C10 O3M E . -34.25 14.63 28.73
C13 O3M E . -33.66 14.43 25.03
C15 O3M E . -34.40 12.82 20.24
N O3M E . -33.60 15.55 24.04
C O3M E . -34.12 11.63 20.92
O O3M E . -34.28 10.43 20.32
C1 O3M E . -33.77 11.61 22.26
C11 O3M E . -33.65 14.31 27.59
C12 O3M E . -34.18 14.81 26.40
C14 O3M E . -34.39 13.99 20.93
C2 O3M E . -33.77 12.81 22.94
C3 O3M E . -34.14 13.99 22.27
C9 O3M E . -35.35 15.36 28.71
C4 O3M F . 21.11 20.35 -29.00
C5 O3M F . 22.62 19.12 -30.32
C6 O3M F . 23.68 19.22 -31.45
C7 O3M F . 22.95 19.47 -32.70
C8 O3M F . 23.59 19.23 -33.91
C10 O3M F . 21.64 19.72 -35.08
C13 O3M F . 20.93 20.29 -31.44
C15 O3M F . 23.81 20.25 -26.44
N O3M F . 21.85 20.35 -30.29
C O3M F . 23.76 21.51 -25.89
O O3M F . 24.65 21.90 -24.93
C1 O3M F . 22.80 22.45 -26.36
C11 O3M F . 20.99 20.01 -33.88
C12 O3M F . 21.65 19.89 -32.68
C14 O3M F . 22.92 19.91 -27.48
C2 O3M F . 21.93 22.05 -27.41
C3 O3M F . 22.01 20.79 -27.94
C9 O3M F . 22.94 19.36 -35.09
C4 O3M G . 12.56 9.64 37.30
C5 O3M G . 14.96 9.52 36.46
C6 O3M G . 16.06 10.48 35.91
C7 O3M G . 15.54 11.36 34.75
C8 O3M G . 16.45 12.02 33.95
C10 O3M G . 14.67 13.08 32.73
C13 O3M G . 13.14 10.79 35.23
C15 O3M G . 12.00 6.13 36.43
N O3M G . 13.68 10.34 36.56
C O3M G . 10.86 6.19 35.68
O O3M G . 10.35 5.05 35.21
C1 O3M G . 10.22 7.40 35.37
C11 O3M G . 13.72 12.43 33.50
C12 O3M G . 14.16 11.55 34.50
C14 O3M G . 12.54 7.30 36.91
C2 O3M G . 10.78 8.57 35.88
C3 O3M G . 11.94 8.49 36.65
C9 O3M G . 16.01 12.86 32.95
#